data_8ZYI
#
_entry.id   8ZYI
#
_cell.length_a   61.786
_cell.length_b   41.518
_cell.length_c   194.510
_cell.angle_alpha   90.00
_cell.angle_beta   96.08
_cell.angle_gamma   90.00
#
_symmetry.space_group_name_H-M   'P 1 2 1'
#
loop_
_entity.id
_entity.type
_entity.pdbx_description
1 polymer 'Glycoside hydrolase family 57 N-terminal domain-containing protein'
2 branched alpha-D-glucopyranose-(1-4)-alpha-D-glucopyranose-(1-4)-alpha-D-glucopyranose-(1-6)-alpha-D-glucopyranose-(1-4)-alpha-D-glucopyranose
3 water water
#
_entity_poly.entity_id   1
_entity_poly.type   'polypeptide(L)'
_entity_poly.pdbx_seq_one_letter_code
;MKKLFLVFWWHMHQPLYREPYTGEYLLPWTFFHAVKDYYDMPAYLKDFEIKLNFNLTPVLIDQIQEYAQGKAKDVFLEAI
RKDPDDLEKEEVEKLIEFTKLNYEKPIYRFERIRELMNKEKLNREELLDLQTLNLLAWCGRTLRKDLKDLLNKGRNYTQE
EKEYVLNKYFEIIKKTLSIYREIKEEGKGSVSTSPYYHPLIPILLNPNCVYETTPNVKIPDFAVSFREDASKHVELAKEK
YFEIFGEHPVYMWPPEASVSNEALELYYEKGINMLATDEVILKNSVERASPYLRYYFRELISVFFRDKTLSDLIGFSYHA
WNAEDAVRDFIGRLKKIHESVDFQPVVFVVLNGENCWEYYEENGIPFLEKLYSTLEKEEWIETLTLEEAMRKEDVKTEVI
ESVKAGTWFDGNFLKWIGNKEKNEYWKILIEAKKKAKNDYILVAEGSDWFWWQGEEKAPFVEVFDKLFRSFVRRAQE
;
_entity_poly.pdbx_strand_id   A,B
#
loop_
_chem_comp.id
_chem_comp.type
_chem_comp.name
_chem_comp.formula
GLC D-saccharide, alpha linking alpha-D-glucopyranose 'C6 H12 O6'
#
# COMPACT_ATOMS: atom_id res chain seq x y z
N LYS A 2 9.82 -7.86 16.89
CA LYS A 2 10.88 -6.90 16.60
C LYS A 2 10.37 -5.84 15.63
N LYS A 3 10.29 -4.59 16.08
CA LYS A 3 9.77 -3.51 15.25
C LYS A 3 10.92 -2.74 14.61
N LEU A 4 10.61 -2.08 13.50
CA LEU A 4 11.43 -1.00 12.97
C LEU A 4 10.78 0.31 13.37
N PHE A 5 11.55 1.20 13.98
CA PHE A 5 11.04 2.50 14.40
C PHE A 5 11.37 3.53 13.32
N LEU A 6 10.34 4.17 12.79
CA LEU A 6 10.45 5.13 11.70
C LEU A 6 10.05 6.50 12.22
N VAL A 7 10.88 7.51 11.96
CA VAL A 7 10.65 8.85 12.46
C VAL A 7 10.74 9.83 11.30
N PHE A 8 9.60 10.38 10.88
CA PHE A 8 9.59 11.49 9.91
C PHE A 8 9.75 12.82 10.63
N TRP A 9 10.61 13.69 10.10
CA TRP A 9 10.78 15.03 10.69
C TRP A 9 10.82 15.99 9.51
N TRP A 10 9.71 16.68 9.26
CA TRP A 10 9.56 17.53 8.10
C TRP A 10 9.91 18.97 8.52
N HIS A 11 10.91 19.55 7.85
CA HIS A 11 11.46 20.86 8.21
C HIS A 11 10.85 21.94 7.32
N MET A 12 10.32 22.99 7.94
CA MET A 12 9.59 24.05 7.25
C MET A 12 10.27 25.38 7.54
N HIS A 13 10.62 26.12 6.49
CA HIS A 13 11.35 27.35 6.70
C HIS A 13 11.20 28.26 5.48
N GLN A 14 11.16 29.57 5.74
CA GLN A 14 11.38 30.58 4.67
C GLN A 14 12.19 31.71 5.29
N PRO A 15 13.17 32.26 4.55
CA PRO A 15 13.82 33.50 5.00
C PRO A 15 12.82 34.64 4.98
N LEU A 16 13.21 35.77 5.60
CA LEU A 16 12.29 36.91 5.72
C LEU A 16 12.25 37.65 4.39
N TYR A 17 11.10 37.60 3.72
CA TYR A 17 10.89 38.27 2.43
C TYR A 17 10.42 39.70 2.59
N ARG A 18 10.15 40.14 3.82
CA ARG A 18 9.62 41.46 4.11
C ARG A 18 10.73 42.50 4.12
N GLU A 19 10.74 43.35 3.09
CA GLU A 19 11.72 44.43 3.00
C GLU A 19 11.52 45.39 4.16
N PRO A 20 12.58 45.74 4.91
CA PRO A 20 12.39 46.43 6.19
C PRO A 20 11.99 47.89 6.06
N TYR A 21 12.23 48.52 4.92
CA TYR A 21 11.91 49.94 4.81
C TYR A 21 10.48 50.16 4.28
N THR A 22 10.05 49.34 3.32
CA THR A 22 8.70 49.46 2.74
C THR A 22 7.68 48.51 3.38
N GLY A 23 8.14 47.46 4.05
CA GLY A 23 7.26 46.41 4.55
C GLY A 23 6.75 45.46 3.51
N GLU A 24 7.22 45.55 2.27
CA GLU A 24 6.69 44.75 1.18
C GLU A 24 7.31 43.36 1.18
N TYR A 25 6.48 42.33 1.07
CA TYR A 25 6.99 40.98 0.82
C TYR A 25 7.38 40.89 -0.65
N LEU A 26 8.69 40.74 -0.91
CA LEU A 26 9.18 40.91 -2.27
C LEU A 26 9.10 39.63 -3.10
N LEU A 27 8.84 38.49 -2.47
CA LEU A 27 8.57 37.23 -3.16
C LEU A 27 7.39 36.58 -2.46
N PRO A 28 6.61 35.79 -3.19
CA PRO A 28 5.38 35.19 -2.64
C PRO A 28 5.58 33.79 -2.07
N TRP A 29 6.83 33.34 -1.86
CA TRP A 29 7.04 31.93 -1.56
C TRP A 29 6.44 31.52 -0.21
N THR A 30 6.43 32.40 0.78
CA THR A 30 5.80 32.00 2.02
C THR A 30 4.29 31.77 1.82
N PHE A 31 3.63 32.69 1.12
CA PHE A 31 2.22 32.50 0.80
C PHE A 31 1.97 31.17 0.08
N PHE A 32 2.70 30.95 -1.01
CA PHE A 32 2.42 29.77 -1.82
C PHE A 32 2.74 28.47 -1.07
N HIS A 33 3.83 28.42 -0.30
CA HIS A 33 4.05 27.19 0.46
C HIS A 33 3.12 27.07 1.66
N ALA A 34 2.60 28.18 2.17
CA ALA A 34 1.56 28.05 3.21
C ALA A 34 0.28 27.42 2.64
N VAL A 35 -0.15 27.84 1.46
CA VAL A 35 -1.40 27.28 0.92
C VAL A 35 -1.18 25.89 0.34
N LYS A 36 0.05 25.56 -0.06
CA LYS A 36 0.30 24.26 -0.67
C LYS A 36 0.77 23.21 0.33
N ASP A 37 1.63 23.57 1.28
CA ASP A 37 2.36 22.58 2.06
C ASP A 37 2.24 22.74 3.57
N TYR A 38 2.28 23.99 4.09
CA TYR A 38 2.48 24.12 5.53
C TYR A 38 1.25 23.74 6.33
N TYR A 39 0.04 23.91 5.78
CA TYR A 39 -1.14 23.36 6.43
C TYR A 39 -1.32 21.90 6.08
N ASP A 40 -1.11 21.55 4.82
CA ASP A 40 -1.49 20.24 4.35
C ASP A 40 -0.59 19.13 4.87
N MET A 41 0.69 19.42 5.14
CA MET A 41 1.56 18.33 5.61
C MET A 41 1.13 17.83 6.98
N PRO A 42 0.92 18.68 8.01
CA PRO A 42 0.35 18.13 9.25
C PRO A 42 -1.06 17.61 9.07
N ALA A 43 -1.86 18.20 8.18
CA ALA A 43 -3.25 17.78 8.03
C ALA A 43 -3.40 16.34 7.56
N TYR A 44 -2.37 15.75 6.92
CA TYR A 44 -2.41 14.31 6.66
C TYR A 44 -2.70 13.51 7.92
N LEU A 45 -2.28 14.02 9.09
CA LEU A 45 -2.51 13.29 10.34
C LEU A 45 -3.99 13.16 10.70
N LYS A 46 -4.87 13.99 10.14
CA LYS A 46 -6.29 13.79 10.37
C LYS A 46 -6.81 12.52 9.69
N ASP A 47 -6.14 12.05 8.65
CA ASP A 47 -6.64 10.95 7.83
C ASP A 47 -5.83 9.67 7.94
N PHE A 48 -4.60 9.74 8.42
CA PHE A 48 -3.72 8.58 8.48
C PHE A 48 -3.25 8.43 9.92
N GLU A 49 -3.32 7.21 10.45
CA GLU A 49 -3.03 6.98 11.86
C GLU A 49 -1.56 6.58 12.01
N ILE A 50 -0.71 7.57 11.77
CA ILE A 50 0.73 7.44 11.92
C ILE A 50 1.18 8.66 12.71
N LYS A 51 2.44 8.66 13.10
CA LYS A 51 3.07 9.84 13.71
C LYS A 51 3.94 10.55 12.67
N LEU A 52 3.86 11.88 12.65
CA LEU A 52 4.72 12.71 11.81
C LEU A 52 5.19 13.90 12.62
N ASN A 53 6.47 14.26 12.49
CA ASN A 53 7.00 15.38 13.27
C ASN A 53 7.36 16.53 12.35
N PHE A 54 7.41 17.73 12.93
CA PHE A 54 7.59 18.95 12.14
C PHE A 54 8.54 19.90 12.83
N ASN A 55 9.35 20.59 12.04
CA ASN A 55 10.13 21.72 12.50
C ASN A 55 9.61 22.98 11.82
N LEU A 56 9.41 24.04 12.60
CA LEU A 56 8.96 25.33 12.10
C LEU A 56 9.97 26.38 12.54
N THR A 57 10.59 27.09 11.57
CA THR A 57 11.51 28.12 12.04
C THR A 57 10.73 29.33 12.52
N PRO A 58 11.28 30.06 13.50
CA PRO A 58 10.56 31.25 14.01
C PRO A 58 10.36 32.30 12.95
N VAL A 59 11.31 32.45 12.01
CA VAL A 59 11.11 33.48 10.99
C VAL A 59 9.98 33.06 10.05
N LEU A 60 9.79 31.75 9.82
CA LEU A 60 8.60 31.33 9.07
C LEU A 60 7.33 31.60 9.86
N ILE A 61 7.33 31.28 11.15
CA ILE A 61 6.14 31.50 11.98
C ILE A 61 5.71 32.96 11.92
N ASP A 62 6.67 33.88 12.06
CA ASP A 62 6.37 35.32 11.98
C ASP A 62 5.62 35.67 10.70
N GLN A 63 6.08 35.13 9.57
CA GLN A 63 5.46 35.48 8.30
C GLN A 63 4.09 34.84 8.14
N ILE A 64 3.92 33.60 8.60
CA ILE A 64 2.59 33.00 8.58
C ILE A 64 1.63 33.85 9.39
N GLN A 65 2.07 34.33 10.55
CA GLN A 65 1.23 35.19 11.37
C GLN A 65 0.85 36.46 10.64
N GLU A 66 1.80 37.07 9.93
CA GLU A 66 1.47 38.32 9.23
C GLU A 66 0.46 38.09 8.12
N TYR A 67 0.62 37.01 7.35
CA TYR A 67 -0.36 36.70 6.33
C TYR A 67 -1.72 36.38 6.93
N ALA A 68 -1.73 35.61 8.03
CA ALA A 68 -3.00 35.24 8.66
C ALA A 68 -3.74 36.45 9.21
N GLN A 69 -3.00 37.48 9.64
CA GLN A 69 -3.61 38.70 10.17
C GLN A 69 -4.01 39.69 9.09
N GLY A 70 -3.82 39.35 7.81
CA GLY A 70 -4.12 40.27 6.73
C GLY A 70 -3.17 41.43 6.61
N LYS A 71 -1.98 41.33 7.21
CA LYS A 71 -1.04 42.45 7.26
C LYS A 71 0.11 42.34 6.25
N ALA A 72 0.24 41.22 5.55
CA ALA A 72 1.37 41.04 4.65
C ALA A 72 1.12 41.76 3.33
N LYS A 73 1.97 42.71 2.98
CA LYS A 73 1.86 43.43 1.71
C LYS A 73 2.72 42.71 0.68
N ASP A 74 2.13 41.72 0.02
CA ASP A 74 2.85 40.82 -0.89
C ASP A 74 2.67 41.36 -2.31
N VAL A 75 3.77 41.82 -2.91
CA VAL A 75 3.63 42.58 -4.16
C VAL A 75 3.14 41.68 -5.30
N PHE A 76 3.63 40.44 -5.35
CA PHE A 76 3.15 39.53 -6.39
C PHE A 76 1.68 39.21 -6.21
N LEU A 77 1.25 38.99 -4.95
CA LEU A 77 -0.15 38.66 -4.67
C LEU A 77 -1.08 39.83 -4.98
N GLU A 78 -0.61 41.07 -4.78
CA GLU A 78 -1.41 42.21 -5.18
C GLU A 78 -1.68 42.19 -6.68
N ALA A 79 -0.69 41.79 -7.47
CA ALA A 79 -0.90 41.74 -8.91
C ALA A 79 -1.86 40.62 -9.31
N ILE A 80 -1.90 39.54 -8.52
CA ILE A 80 -2.87 38.47 -8.75
C ILE A 80 -4.28 38.94 -8.43
N ARG A 81 -4.44 39.66 -7.32
CA ARG A 81 -5.77 40.01 -6.85
C ARG A 81 -6.46 41.03 -7.76
N LYS A 82 -5.70 41.96 -8.35
CA LYS A 82 -6.30 43.07 -9.09
C LYS A 82 -7.09 42.59 -10.30
N ASP A 83 -8.14 43.34 -10.62
CA ASP A 83 -8.74 43.24 -11.94
C ASP A 83 -7.65 43.50 -12.98
N PRO A 84 -7.57 42.70 -14.05
CA PRO A 84 -6.50 42.92 -15.04
C PRO A 84 -6.51 44.31 -15.64
N ASP A 85 -7.68 44.98 -15.71
CA ASP A 85 -7.71 46.35 -16.22
C ASP A 85 -6.90 47.32 -15.37
N ASP A 86 -6.58 46.94 -14.13
CA ASP A 86 -5.83 47.79 -13.22
C ASP A 86 -4.35 47.39 -13.12
N LEU A 87 -3.95 46.35 -13.85
CA LEU A 87 -2.56 45.88 -13.80
C LEU A 87 -1.61 46.87 -14.44
N GLU A 88 -0.52 47.17 -13.72
CA GLU A 88 0.57 47.95 -14.29
C GLU A 88 1.32 47.11 -15.33
N LYS A 89 1.93 47.81 -16.28
CA LYS A 89 2.81 47.12 -17.22
C LYS A 89 3.84 46.27 -16.48
N GLU A 90 4.44 46.82 -15.42
CA GLU A 90 5.43 46.03 -14.67
C GLU A 90 4.81 44.79 -14.05
N GLU A 91 3.56 44.88 -13.60
CA GLU A 91 2.95 43.73 -12.97
C GLU A 91 2.65 42.63 -13.99
N VAL A 92 2.24 43.01 -15.20
CA VAL A 92 2.02 42.00 -16.23
C VAL A 92 3.34 41.29 -16.53
N GLU A 93 4.43 42.06 -16.65
CA GLU A 93 5.73 41.45 -16.91
C GLU A 93 6.13 40.50 -15.78
N LYS A 94 5.84 40.86 -14.53
CA LYS A 94 6.24 40.02 -13.42
C LYS A 94 5.41 38.74 -13.38
N LEU A 95 4.12 38.85 -13.70
CA LEU A 95 3.25 37.68 -13.75
C LEU A 95 3.72 36.71 -14.83
N ILE A 96 4.09 37.24 -16.00
CA ILE A 96 4.61 36.42 -17.09
C ILE A 96 5.91 35.75 -16.67
N GLU A 97 6.85 36.53 -16.10
CA GLU A 97 8.14 35.93 -15.76
C GLU A 97 7.98 34.84 -14.72
N PHE A 98 7.14 35.09 -13.70
CA PHE A 98 6.91 34.08 -12.67
C PHE A 98 6.37 32.80 -13.28
N THR A 99 5.42 32.92 -14.21
CA THR A 99 4.90 31.74 -14.90
C THR A 99 6.00 31.01 -15.66
N LYS A 100 6.84 31.77 -16.38
CA LYS A 100 7.91 31.15 -17.17
C LYS A 100 8.88 30.38 -16.29
N LEU A 101 9.18 30.92 -15.11
CA LEU A 101 10.12 30.27 -14.21
C LEU A 101 9.54 29.00 -13.60
N ASN A 102 8.20 28.91 -13.49
CA ASN A 102 7.56 27.75 -12.91
C ASN A 102 6.97 26.79 -13.94
N TYR A 103 7.13 27.12 -15.24
CA TYR A 103 6.35 26.52 -16.33
C TYR A 103 6.53 25.02 -16.43
N GLU A 104 7.74 24.52 -16.16
CA GLU A 104 8.03 23.11 -16.36
C GLU A 104 7.68 22.25 -15.15
N LYS A 105 7.29 22.86 -14.04
CA LYS A 105 6.96 22.08 -12.86
C LYS A 105 5.62 21.36 -13.07
N PRO A 106 5.51 20.10 -12.66
CA PRO A 106 4.25 19.37 -12.88
C PRO A 106 3.03 20.07 -12.28
N ILE A 107 3.19 20.83 -11.20
CA ILE A 107 2.02 21.51 -10.66
C ILE A 107 1.52 22.62 -11.56
N TYR A 108 2.29 23.03 -12.57
CA TYR A 108 1.86 24.02 -13.56
C TYR A 108 1.34 23.38 -14.84
N ARG A 109 1.06 22.08 -14.85
CA ARG A 109 0.66 21.39 -16.07
C ARG A 109 -0.84 21.66 -16.31
N PHE A 110 -1.12 22.86 -16.84
CA PHE A 110 -2.44 23.24 -17.30
C PHE A 110 -2.34 23.59 -18.78
N GLU A 111 -3.18 22.98 -19.62
CA GLU A 111 -3.14 23.30 -21.04
C GLU A 111 -3.28 24.80 -21.29
N ARG A 112 -4.11 25.48 -20.50
CA ARG A 112 -4.33 26.90 -20.71
C ARG A 112 -3.06 27.71 -20.47
N ILE A 113 -2.20 27.29 -19.53
CA ILE A 113 -0.96 28.04 -19.30
C ILE A 113 -0.08 27.97 -20.55
N ARG A 114 -0.01 26.79 -21.17
CA ARG A 114 0.76 26.65 -22.41
C ARG A 114 0.27 27.61 -23.48
N GLU A 115 -1.06 27.73 -23.65
CA GLU A 115 -1.58 28.66 -24.65
C GLU A 115 -1.21 30.09 -24.32
N LEU A 116 -1.43 30.51 -23.08
CA LEU A 116 -1.16 31.86 -22.71
C LEU A 116 0.27 32.29 -22.89
N MET A 117 1.20 31.38 -22.64
CA MET A 117 2.59 31.72 -22.79
C MET A 117 2.97 31.87 -24.28
N ASN A 118 2.20 31.23 -25.13
CA ASN A 118 2.43 31.29 -26.55
C ASN A 118 1.77 32.48 -27.21
N LYS A 119 1.18 33.35 -26.40
CA LYS A 119 0.57 34.53 -26.91
C LYS A 119 1.44 35.71 -26.69
N GLU A 120 1.32 36.63 -27.60
CA GLU A 120 2.10 37.83 -27.70
C GLU A 120 1.58 38.88 -26.80
N LYS A 121 0.27 39.08 -26.85
CA LYS A 121 -0.32 40.06 -25.99
C LYS A 121 -1.52 39.39 -25.35
N LEU A 122 -1.79 39.75 -24.11
CA LEU A 122 -2.90 39.14 -23.40
C LEU A 122 -4.01 40.13 -23.14
N ASN A 123 -5.24 39.74 -23.39
CA ASN A 123 -6.35 40.63 -23.08
C ASN A 123 -6.83 40.36 -21.65
N ARG A 124 -7.92 41.00 -21.25
CA ARG A 124 -8.34 40.93 -19.86
C ARG A 124 -8.69 39.51 -19.46
N GLU A 125 -9.44 38.84 -20.30
CA GLU A 125 -9.82 37.48 -19.98
C GLU A 125 -8.62 36.54 -19.93
N GLU A 126 -7.64 36.75 -20.81
CA GLU A 126 -6.43 35.92 -20.76
C GLU A 126 -5.64 36.19 -19.48
N LEU A 127 -5.57 37.45 -19.06
CA LEU A 127 -4.83 37.78 -17.84
C LEU A 127 -5.53 37.21 -16.60
N LEU A 128 -6.86 37.25 -16.58
CA LEU A 128 -7.59 36.64 -15.47
C LEU A 128 -7.26 35.15 -15.34
N ASP A 129 -7.17 34.45 -16.47
CA ASP A 129 -6.78 33.04 -16.40
C ASP A 129 -5.35 32.88 -15.92
N LEU A 130 -4.45 33.77 -16.38
CA LEU A 130 -3.06 33.66 -15.95
C LEU A 130 -2.93 33.88 -14.45
N GLN A 131 -3.63 34.89 -13.93
CA GLN A 131 -3.67 35.13 -12.48
C GLN A 131 -4.20 33.92 -11.73
N THR A 132 -5.38 33.44 -12.14
CA THR A 132 -6.05 32.40 -11.36
C THR A 132 -5.33 31.06 -11.48
N LEU A 133 -4.80 30.74 -12.66
CA LEU A 133 -4.06 29.49 -12.78
C LEU A 133 -2.73 29.53 -12.01
N ASN A 134 -2.09 30.70 -11.91
CA ASN A 134 -0.93 30.78 -11.02
C ASN A 134 -1.34 30.48 -9.58
N LEU A 135 -2.50 30.99 -9.15
CA LEU A 135 -3.02 30.65 -7.83
C LEU A 135 -3.27 29.15 -7.69
N LEU A 136 -4.01 28.57 -8.65
CA LEU A 136 -4.46 27.19 -8.53
C LEU A 136 -3.32 26.18 -8.68
N ALA A 137 -2.23 26.58 -9.31
CA ALA A 137 -1.08 25.68 -9.39
C ALA A 137 -0.55 25.32 -8.01
N TRP A 138 -0.73 26.19 -7.03
CA TRP A 138 -0.22 25.96 -5.68
C TRP A 138 -1.29 25.44 -4.74
N CYS A 139 -2.39 24.94 -5.28
CA CYS A 139 -3.46 24.43 -4.43
C CYS A 139 -2.97 23.20 -3.68
N GLY A 140 -3.21 23.18 -2.36
CA GLY A 140 -2.84 22.03 -1.55
C GLY A 140 -3.90 20.94 -1.56
N ARG A 141 -3.57 19.84 -0.88
CA ARG A 141 -4.42 18.64 -0.87
C ARG A 141 -5.82 18.95 -0.37
N THR A 142 -5.93 19.68 0.75
CA THR A 142 -7.24 19.98 1.32
C THR A 142 -8.15 20.70 0.33
N LEU A 143 -7.63 21.73 -0.31
CA LEU A 143 -8.47 22.53 -1.20
C LEU A 143 -8.59 21.94 -2.59
N ARG A 144 -7.69 21.04 -2.98
CA ARG A 144 -7.89 20.32 -4.24
C ARG A 144 -9.19 19.52 -4.20
N LYS A 145 -9.59 19.05 -3.02
CA LYS A 145 -10.92 18.47 -2.86
C LYS A 145 -12.01 19.52 -2.92
N ASP A 146 -11.85 20.61 -2.17
CA ASP A 146 -12.96 21.55 -2.02
C ASP A 146 -13.17 22.39 -3.27
N LEU A 147 -12.10 22.75 -3.97
CA LEU A 147 -12.16 23.54 -5.20
C LEU A 147 -12.12 22.67 -6.46
N LYS A 148 -12.50 21.40 -6.34
CA LYS A 148 -12.33 20.44 -7.44
C LYS A 148 -12.94 20.94 -8.74
N ASP A 149 -14.13 21.54 -8.68
CA ASP A 149 -14.82 21.90 -9.91
C ASP A 149 -14.17 23.12 -10.57
N LEU A 150 -13.70 24.07 -9.77
CA LEU A 150 -12.98 25.20 -10.36
C LEU A 150 -11.65 24.76 -10.95
N LEU A 151 -10.98 23.81 -10.30
CA LEU A 151 -9.73 23.27 -10.83
C LEU A 151 -9.96 22.61 -12.18
N ASN A 152 -11.05 21.83 -12.32
CA ASN A 152 -11.31 21.13 -13.57
C ASN A 152 -11.77 22.05 -14.69
N LYS A 153 -12.07 23.29 -14.39
CA LYS A 153 -12.41 24.25 -15.43
C LYS A 153 -11.20 24.45 -16.34
N GLY A 154 -10.07 24.76 -15.73
CA GLY A 154 -8.81 24.96 -16.40
C GLY A 154 -8.67 26.27 -17.14
N ARG A 155 -9.74 27.06 -17.26
CA ARG A 155 -9.72 28.28 -18.05
C ARG A 155 -11.01 29.02 -17.78
N ASN A 156 -11.14 30.22 -18.37
CA ASN A 156 -12.37 31.01 -18.32
C ASN A 156 -12.77 31.37 -16.88
N TYR A 157 -11.78 31.81 -16.08
CA TYR A 157 -12.04 32.22 -14.71
C TYR A 157 -12.50 33.67 -14.66
N THR A 158 -13.45 33.95 -13.79
CA THR A 158 -13.94 35.29 -13.57
C THR A 158 -13.29 35.88 -12.33
N GLN A 159 -13.42 37.21 -12.20
CA GLN A 159 -12.88 37.89 -11.03
C GLN A 159 -13.50 37.34 -9.74
N GLU A 160 -14.80 37.04 -9.76
CA GLU A 160 -15.45 36.48 -8.58
C GLU A 160 -14.85 35.13 -8.18
N GLU A 161 -14.59 34.27 -9.17
CA GLU A 161 -14.01 32.97 -8.89
C GLU A 161 -12.59 33.11 -8.34
N LYS A 162 -11.79 33.99 -8.93
CA LYS A 162 -10.44 34.21 -8.43
C LYS A 162 -10.48 34.68 -6.98
N GLU A 163 -11.36 35.63 -6.67
CA GLU A 163 -11.47 36.13 -5.30
C GLU A 163 -11.92 35.02 -4.35
N TYR A 164 -12.78 34.12 -4.82
CA TYR A 164 -13.20 32.99 -4.02
C TYR A 164 -12.00 32.11 -3.66
N VAL A 165 -11.17 31.77 -4.64
CA VAL A 165 -9.96 30.98 -4.40
C VAL A 165 -9.07 31.69 -3.37
N LEU A 166 -8.88 33.00 -3.54
CA LEU A 166 -8.06 33.75 -2.60
C LEU A 166 -8.62 33.67 -1.18
N ASN A 167 -9.94 33.81 -1.03
CA ASN A 167 -10.54 33.72 0.30
C ASN A 167 -10.31 32.35 0.92
N LYS A 168 -10.47 31.26 0.13
CA LYS A 168 -10.23 29.94 0.68
C LYS A 168 -8.76 29.76 1.05
N TYR A 169 -7.85 30.32 0.25
CA TYR A 169 -6.43 30.23 0.56
C TYR A 169 -6.11 30.93 1.88
N PHE A 170 -6.69 32.11 2.10
CA PHE A 170 -6.37 32.79 3.35
C PHE A 170 -7.03 32.07 4.54
N GLU A 171 -8.15 31.39 4.32
CA GLU A 171 -8.75 30.60 5.39
C GLU A 171 -7.79 29.50 5.84
N ILE A 172 -7.13 28.84 4.89
CA ILE A 172 -6.12 27.81 5.20
C ILE A 172 -4.98 28.40 6.01
N ILE A 173 -4.48 29.56 5.58
CA ILE A 173 -3.37 30.21 6.30
C ILE A 173 -3.77 30.52 7.74
N LYS A 174 -4.99 31.02 7.94
CA LYS A 174 -5.43 31.40 9.29
C LYS A 174 -5.57 30.19 10.21
N LYS A 175 -5.72 28.98 9.67
CA LYS A 175 -5.86 27.77 10.48
C LYS A 175 -4.54 27.03 10.68
N THR A 176 -3.44 27.56 10.14
CA THR A 176 -2.23 26.76 10.04
C THR A 176 -1.56 26.55 11.40
N LEU A 177 -1.31 27.63 12.15
CA LEU A 177 -0.65 27.41 13.44
C LEU A 177 -1.53 26.57 14.36
N SER A 178 -2.85 26.70 14.23
CA SER A 178 -3.75 25.90 15.06
C SER A 178 -3.64 24.41 14.75
N ILE A 179 -3.38 24.04 13.49
CA ILE A 179 -3.26 22.61 13.22
C ILE A 179 -1.99 22.05 13.86
N TYR A 180 -0.90 22.85 13.91
CA TYR A 180 0.31 22.35 14.57
C TYR A 180 0.07 22.21 16.08
N ARG A 181 -0.66 23.13 16.69
CA ARG A 181 -1.00 22.95 18.10
C ARG A 181 -1.85 21.70 18.29
N GLU A 182 -2.78 21.46 17.38
CA GLU A 182 -3.71 20.34 17.57
C GLU A 182 -2.97 19.00 17.44
N ILE A 183 -2.14 18.84 16.40
CA ILE A 183 -1.50 17.53 16.28
C ILE A 183 -0.50 17.32 17.41
N LYS A 184 0.08 18.40 17.94
CA LYS A 184 0.99 18.27 19.07
C LYS A 184 0.23 17.86 20.33
N GLU A 185 -0.86 18.56 20.64
CA GLU A 185 -1.61 18.24 21.84
C GLU A 185 -2.22 16.85 21.77
N GLU A 186 -2.60 16.40 20.57
CA GLU A 186 -3.18 15.08 20.40
C GLU A 186 -2.12 13.98 20.36
N GLY A 187 -0.84 14.35 20.44
CA GLY A 187 0.21 13.35 20.45
C GLY A 187 0.46 12.69 19.12
N LYS A 188 0.01 13.30 18.03
CA LYS A 188 0.20 12.75 16.71
C LYS A 188 1.55 13.11 16.13
N GLY A 189 2.21 14.11 16.69
CA GLY A 189 3.55 14.47 16.30
C GLY A 189 4.14 15.45 17.28
N SER A 190 5.46 15.54 17.24
CA SER A 190 6.20 16.54 17.98
C SER A 190 6.48 17.71 17.05
N VAL A 191 6.60 18.90 17.64
CA VAL A 191 6.98 20.09 16.88
C VAL A 191 8.27 20.65 17.48
N SER A 192 9.24 20.90 16.63
CA SER A 192 10.51 21.51 17.04
C SER A 192 10.62 22.90 16.43
N THR A 193 11.71 23.58 16.76
CA THR A 193 12.06 24.80 16.03
C THR A 193 13.57 24.83 15.83
N SER A 194 14.04 25.85 15.15
CA SER A 194 15.45 26.12 14.88
C SER A 194 15.84 27.47 15.45
N PRO A 195 17.14 27.73 15.67
CA PRO A 195 17.58 29.11 15.93
C PRO A 195 16.96 30.08 14.93
N TYR A 196 16.68 31.30 15.39
CA TYR A 196 15.54 32.10 14.90
C TYR A 196 15.55 32.33 13.39
N TYR A 197 16.64 32.86 12.82
CA TYR A 197 16.65 33.15 11.39
C TYR A 197 17.40 32.11 10.59
N HIS A 198 17.47 30.88 11.10
CA HIS A 198 18.06 29.75 10.38
C HIS A 198 19.51 30.06 10.02
N PRO A 199 20.35 30.47 10.96
CA PRO A 199 21.78 30.67 10.68
C PRO A 199 22.60 29.37 10.72
N LEU A 200 23.86 29.47 10.26
CA LEU A 200 24.84 28.39 10.47
C LEU A 200 25.53 28.60 11.82
N ILE A 201 24.95 27.99 12.86
CA ILE A 201 25.47 28.19 14.22
C ILE A 201 26.95 27.84 14.33
N PRO A 202 27.47 26.73 13.76
CA PRO A 202 28.90 26.43 13.97
C PRO A 202 29.82 27.52 13.45
N ILE A 203 29.45 28.20 12.36
CA ILE A 203 30.30 29.28 11.84
C ILE A 203 30.23 30.49 12.76
N LEU A 204 29.03 30.87 13.20
CA LEU A 204 28.90 31.98 14.16
C LEU A 204 29.74 31.74 15.41
N LEU A 205 29.77 30.50 15.90
CA LEU A 205 30.55 30.23 17.11
C LEU A 205 32.05 30.19 16.84
N ASN A 206 32.45 29.67 15.69
CA ASN A 206 33.86 29.43 15.44
C ASN A 206 34.08 29.25 13.95
N PRO A 207 34.33 30.34 13.24
CA PRO A 207 34.49 30.24 11.77
C PRO A 207 35.55 29.26 11.35
N ASN A 208 36.56 29.00 12.19
CA ASN A 208 37.62 28.07 11.79
C ASN A 208 37.15 26.62 11.73
N CYS A 209 35.93 26.31 12.17
CA CYS A 209 35.48 24.93 12.08
C CYS A 209 35.28 24.49 10.62
N VAL A 210 35.25 25.41 9.66
CA VAL A 210 35.17 25.00 8.26
C VAL A 210 36.38 24.17 7.86
N TYR A 211 37.52 24.39 8.52
CA TYR A 211 38.74 23.67 8.15
C TYR A 211 38.76 22.24 8.63
N GLU A 212 37.77 21.80 9.41
CA GLU A 212 37.70 20.40 9.79
C GLU A 212 37.41 19.52 8.59
N THR A 213 36.68 20.03 7.60
CA THR A 213 36.34 19.25 6.42
C THR A 213 36.94 19.78 5.13
N THR A 214 37.18 21.08 5.02
CA THR A 214 37.72 21.68 3.78
C THR A 214 38.92 22.53 4.17
N PRO A 215 40.09 21.92 4.30
CA PRO A 215 41.27 22.67 4.75
C PRO A 215 41.76 23.70 3.75
N ASN A 216 41.45 23.57 2.47
CA ASN A 216 42.00 24.47 1.46
C ASN A 216 41.12 25.69 1.21
N VAL A 217 40.06 25.87 1.98
CA VAL A 217 39.12 26.93 1.71
C VAL A 217 39.67 28.26 2.23
N LYS A 218 39.37 29.32 1.48
CA LYS A 218 39.69 30.69 1.87
C LYS A 218 38.47 31.28 2.54
N ILE A 219 38.63 31.88 3.72
CA ILE A 219 37.52 32.61 4.35
C ILE A 219 37.97 34.03 4.65
N PRO A 220 37.03 34.95 4.83
CA PRO A 220 37.40 36.32 5.20
C PRO A 220 37.96 36.40 6.62
N ASP A 221 38.46 37.59 6.95
CA ASP A 221 38.99 37.95 8.25
C ASP A 221 37.84 38.17 9.23
N PHE A 222 37.57 37.21 10.11
CA PHE A 222 36.47 37.36 11.07
C PHE A 222 36.94 38.21 12.26
N ALA A 223 36.99 39.52 12.02
CA ALA A 223 37.53 40.47 12.99
C ALA A 223 36.55 40.85 14.09
N VAL A 224 35.39 40.20 14.15
CA VAL A 224 34.38 40.47 15.16
C VAL A 224 33.78 39.14 15.60
N SER A 225 33.30 39.08 16.83
CA SER A 225 32.72 37.84 17.36
C SER A 225 31.23 37.77 17.07
N PHE A 226 30.77 36.60 16.60
CA PHE A 226 29.36 36.30 16.41
C PHE A 226 28.83 35.32 17.46
N ARG A 227 29.60 35.07 18.52
CA ARG A 227 29.22 34.02 19.48
C ARG A 227 27.98 34.40 20.27
N GLU A 228 27.87 35.65 20.69
CA GLU A 228 26.66 36.00 21.43
C GLU A 228 25.44 36.06 20.52
N ASP A 229 25.62 36.39 19.23
CA ASP A 229 24.50 36.31 18.31
C ASP A 229 24.01 34.87 18.15
N ALA A 230 24.93 33.91 18.11
CA ALA A 230 24.54 32.49 18.06
C ALA A 230 23.63 32.15 19.22
N SER A 231 23.97 32.61 20.43
CA SER A 231 23.12 32.38 21.60
C SER A 231 21.76 33.03 21.44
N LYS A 232 21.75 34.29 20.97
CA LYS A 232 20.50 35.03 20.77
C LYS A 232 19.56 34.31 19.82
N HIS A 233 20.07 33.79 18.70
CA HIS A 233 19.20 33.05 17.76
C HIS A 233 18.47 31.93 18.49
N VAL A 234 19.19 31.19 19.33
CA VAL A 234 18.59 30.07 20.05
C VAL A 234 17.59 30.57 21.10
N GLU A 235 17.98 31.58 21.88
CA GLU A 235 17.10 32.06 22.94
C GLU A 235 15.83 32.66 22.37
N LEU A 236 15.95 33.49 21.33
CA LEU A 236 14.74 34.09 20.75
C LEU A 236 13.85 33.02 20.14
N ALA A 237 14.43 31.96 19.58
CA ALA A 237 13.64 30.87 19.02
C ALA A 237 12.83 30.16 20.09
N LYS A 238 13.44 29.94 21.26
CA LYS A 238 12.73 29.33 22.37
C LYS A 238 11.55 30.20 22.82
N GLU A 239 11.74 31.52 22.88
CA GLU A 239 10.66 32.42 23.27
C GLU A 239 9.52 32.42 22.25
N LYS A 240 9.85 32.43 20.95
CA LYS A 240 8.80 32.41 19.93
C LYS A 240 8.02 31.09 19.98
N TYR A 241 8.74 29.98 20.13
CA TYR A 241 8.06 28.69 20.23
C TYR A 241 7.14 28.67 21.44
N PHE A 242 7.59 29.28 22.53
CA PHE A 242 6.77 29.33 23.73
C PHE A 242 5.53 30.21 23.52
N GLU A 243 5.66 31.29 22.75
CA GLU A 243 4.52 32.12 22.38
C GLU A 243 3.42 31.31 21.69
N ILE A 244 3.82 30.41 20.78
CA ILE A 244 2.87 29.69 19.95
C ILE A 244 2.29 28.49 20.68
N PHE A 245 3.13 27.73 21.40
CA PHE A 245 2.75 26.42 21.91
C PHE A 245 2.61 26.37 23.43
N GLY A 246 3.08 27.39 24.14
CA GLY A 246 2.89 27.43 25.59
C GLY A 246 3.95 26.71 26.39
N GLU A 247 4.93 26.10 25.73
CA GLU A 247 6.04 25.43 26.41
C GLU A 247 7.33 25.76 25.67
N HIS A 248 8.45 25.61 26.36
CA HIS A 248 9.73 25.75 25.68
C HIS A 248 10.00 24.50 24.85
N PRO A 249 10.65 24.66 23.70
CA PRO A 249 10.99 23.49 22.88
C PRO A 249 12.12 22.71 23.55
N VAL A 250 12.03 21.39 23.48
CA VAL A 250 13.13 20.52 23.90
C VAL A 250 13.79 19.82 22.73
N TYR A 251 13.23 19.93 21.52
CA TYR A 251 13.86 19.44 20.31
C TYR A 251 14.13 20.61 19.39
N MET A 252 15.28 20.58 18.73
CA MET A 252 15.58 21.58 17.72
C MET A 252 16.17 20.88 16.50
N TRP A 253 15.82 21.43 15.35
CA TRP A 253 16.51 21.07 14.12
C TRP A 253 17.63 22.06 13.88
N PRO A 254 18.89 21.65 13.87
CA PRO A 254 19.97 22.58 13.53
C PRO A 254 19.91 22.93 12.06
N PRO A 255 19.90 24.23 11.72
CA PRO A 255 19.80 24.62 10.31
C PRO A 255 20.88 23.95 9.47
N GLU A 256 20.48 23.39 8.35
CA GLU A 256 21.32 22.65 7.43
C GLU A 256 21.99 21.44 8.08
N ALA A 257 21.31 20.85 9.04
CA ALA A 257 21.85 19.73 9.83
C ALA A 257 23.18 20.09 10.49
N SER A 258 23.46 21.39 10.69
CA SER A 258 24.84 21.81 10.95
C SER A 258 25.15 21.69 12.44
N VAL A 259 26.21 20.93 12.75
CA VAL A 259 26.65 20.72 14.12
C VAL A 259 28.16 20.86 14.17
N SER A 260 28.64 21.06 15.39
CA SER A 260 30.05 21.09 15.76
C SER A 260 30.07 20.83 17.25
N ASN A 261 31.26 20.53 17.80
CA ASN A 261 31.34 20.36 19.25
C ASN A 261 30.82 21.59 19.98
N GLU A 262 31.19 22.78 19.50
CA GLU A 262 30.78 24.01 20.17
C GLU A 262 29.27 24.24 20.03
N ALA A 263 28.72 23.93 18.86
CA ALA A 263 27.28 24.10 18.67
C ALA A 263 26.49 23.15 19.56
N LEU A 264 26.96 21.90 19.68
CA LEU A 264 26.25 20.94 20.52
C LEU A 264 26.28 21.37 21.96
N GLU A 265 27.41 21.93 22.41
CA GLU A 265 27.48 22.48 23.77
C GLU A 265 26.48 23.62 23.95
N LEU A 266 26.34 24.48 22.94
CA LEU A 266 25.39 25.59 23.04
C LEU A 266 23.95 25.09 23.14
N TYR A 267 23.57 24.13 22.29
CA TYR A 267 22.22 23.58 22.38
C TYR A 267 21.98 22.94 23.73
N TYR A 268 22.97 22.25 24.28
CA TYR A 268 22.84 21.69 25.63
C TYR A 268 22.64 22.79 26.67
N GLU A 269 23.45 23.85 26.57
CA GLU A 269 23.35 24.92 27.57
C GLU A 269 22.00 25.60 27.51
N LYS A 270 21.36 25.59 26.35
CA LYS A 270 20.06 26.23 26.16
C LYS A 270 18.90 25.28 26.44
N GLY A 271 19.18 24.10 27.00
CA GLY A 271 18.11 23.22 27.42
C GLY A 271 17.53 22.33 26.35
N ILE A 272 18.20 22.18 25.21
CA ILE A 272 17.71 21.30 24.16
C ILE A 272 18.13 19.87 24.50
N ASN A 273 17.17 18.95 24.49
CA ASN A 273 17.41 17.58 24.91
C ASN A 273 17.78 16.65 23.75
N MET A 274 17.32 16.96 22.54
CA MET A 274 17.65 16.14 21.39
C MET A 274 17.66 16.98 20.13
N LEU A 275 18.56 16.62 19.21
CA LEU A 275 18.53 17.14 17.85
C LEU A 275 18.88 16.02 16.88
N ALA A 276 18.80 16.31 15.60
CA ALA A 276 19.28 15.38 14.59
C ALA A 276 20.26 16.10 13.68
N THR A 277 21.06 15.31 12.99
CA THR A 277 21.96 15.84 11.97
C THR A 277 22.11 14.76 10.89
N ASP A 278 23.14 14.88 10.06
CA ASP A 278 23.24 14.06 8.87
C ASP A 278 24.21 12.91 9.03
N GLU A 279 23.95 11.83 8.28
CA GLU A 279 24.75 10.62 8.31
C GLU A 279 26.21 10.88 7.91
N VAL A 280 26.45 11.88 7.05
CA VAL A 280 27.84 12.15 6.66
C VAL A 280 28.65 12.64 7.85
N ILE A 281 28.02 13.38 8.77
CA ILE A 281 28.72 13.83 9.98
C ILE A 281 29.14 12.64 10.81
N LEU A 282 28.26 11.65 10.94
CA LEU A 282 28.59 10.44 11.68
C LEU A 282 29.76 9.72 11.03
N LYS A 283 29.69 9.54 9.71
CA LYS A 283 30.77 8.86 8.97
C LYS A 283 32.11 9.59 9.14
N ASN A 284 32.08 10.92 9.19
CA ASN A 284 33.32 11.69 9.37
C ASN A 284 33.84 11.65 10.80
N SER A 285 32.99 11.34 11.78
CA SER A 285 33.33 11.48 13.19
C SER A 285 33.67 10.17 13.89
N VAL A 286 33.23 9.03 13.38
CA VAL A 286 33.47 7.73 13.99
C VAL A 286 33.68 6.68 12.91
N GLU A 287 34.30 5.56 13.30
CA GLU A 287 34.50 4.45 12.38
C GLU A 287 33.23 3.62 12.18
N ARG A 288 32.58 3.22 13.27
CA ARG A 288 31.39 2.35 13.20
C ARG A 288 30.15 3.23 13.16
N ALA A 289 29.76 3.64 11.96
CA ALA A 289 28.75 4.69 11.83
C ALA A 289 27.38 4.14 11.49
N SER A 290 26.78 3.35 12.39
CA SER A 290 25.40 2.97 12.15
C SER A 290 24.47 4.11 12.57
N PRO A 291 23.65 4.62 11.66
CA PRO A 291 22.68 5.66 12.00
C PRO A 291 21.42 5.15 12.65
N TYR A 292 21.34 3.86 13.03
CA TYR A 292 20.11 3.31 13.55
C TYR A 292 20.07 3.29 15.09
N LEU A 293 21.04 3.92 15.73
CA LEU A 293 21.16 4.04 17.18
C LEU A 293 20.82 5.45 17.65
N ARG A 294 20.42 5.57 18.92
CA ARG A 294 20.40 6.87 19.59
C ARG A 294 21.80 7.17 20.11
N TYR A 295 22.35 8.34 19.79
CA TYR A 295 23.67 8.71 20.27
C TYR A 295 23.55 9.73 21.39
N TYR A 296 24.48 9.66 22.35
CA TYR A 296 24.56 10.64 23.43
C TYR A 296 25.88 11.39 23.28
N PHE A 297 25.80 12.68 23.01
CA PHE A 297 27.02 13.48 22.87
C PHE A 297 27.49 13.91 24.26
N ARG A 298 28.61 13.32 24.71
CA ARG A 298 29.23 13.61 26.01
C ARG A 298 28.26 13.48 27.17
N GLU A 299 27.23 12.64 27.02
CA GLU A 299 26.15 12.47 27.99
C GLU A 299 25.40 13.77 28.25
N LEU A 300 25.48 14.73 27.32
CA LEU A 300 24.81 16.02 27.49
C LEU A 300 23.54 16.15 26.67
N ILE A 301 23.53 15.66 25.44
CA ILE A 301 22.40 15.86 24.54
C ILE A 301 22.31 14.63 23.65
N SER A 302 21.09 14.25 23.30
CA SER A 302 20.88 13.11 22.42
C SER A 302 20.91 13.57 20.96
N VAL A 303 21.51 12.75 20.11
CA VAL A 303 21.66 13.05 18.70
C VAL A 303 21.22 11.83 17.91
N PHE A 304 20.36 12.04 16.92
CA PHE A 304 20.08 11.02 15.91
C PHE A 304 20.67 11.48 14.59
N PHE A 305 21.14 10.53 13.80
CA PHE A 305 21.67 10.84 12.48
C PHE A 305 20.67 10.34 11.45
N ARG A 306 20.23 11.22 10.57
CA ARG A 306 19.17 10.83 9.63
C ARG A 306 19.71 9.81 8.64
N ASP A 307 18.81 8.96 8.16
CA ASP A 307 19.13 8.02 7.08
C ASP A 307 19.14 8.83 5.78
N LYS A 308 20.35 9.17 5.32
CA LYS A 308 20.51 10.06 4.17
C LYS A 308 19.89 9.47 2.91
N THR A 309 20.15 8.19 2.65
CA THR A 309 19.58 7.53 1.48
C THR A 309 18.07 7.69 1.41
N LEU A 310 17.35 7.31 2.48
CA LEU A 310 15.90 7.40 2.45
C LEU A 310 15.42 8.84 2.34
N SER A 311 16.06 9.75 3.09
CA SER A 311 15.64 11.15 3.06
C SER A 311 15.79 11.74 1.67
N ASP A 312 16.89 11.40 0.99
CA ASP A 312 17.16 11.96 -0.32
C ASP A 312 16.34 11.28 -1.41
N LEU A 313 15.92 10.03 -1.21
CA LEU A 313 14.98 9.43 -2.16
C LEU A 313 13.72 10.27 -2.25
N ILE A 314 13.11 10.60 -1.10
CA ILE A 314 11.91 11.43 -1.14
C ILE A 314 12.26 12.81 -1.66
N GLY A 315 13.34 13.40 -1.14
CA GLY A 315 13.60 14.80 -1.41
C GLY A 315 14.02 15.09 -2.82
N PHE A 316 14.65 14.12 -3.49
CA PHE A 316 15.26 14.36 -4.79
C PHE A 316 15.00 13.28 -5.85
N SER A 317 14.63 12.05 -5.47
CA SER A 317 14.57 10.95 -6.46
C SER A 317 13.15 10.63 -6.92
N TYR A 318 12.22 10.45 -5.99
CA TYR A 318 10.94 9.83 -6.31
C TYR A 318 10.00 10.72 -7.14
N HIS A 319 10.27 12.02 -7.28
CA HIS A 319 9.49 12.81 -8.23
C HIS A 319 9.57 12.19 -9.63
N ALA A 320 10.68 11.53 -9.95
CA ALA A 320 10.85 10.96 -11.27
C ALA A 320 10.26 9.57 -11.38
N TRP A 321 9.60 9.06 -10.34
CA TRP A 321 9.05 7.71 -10.32
C TRP A 321 7.52 7.73 -10.40
N ASN A 322 6.97 6.61 -10.85
CA ASN A 322 5.57 6.30 -10.60
C ASN A 322 5.36 6.11 -9.11
N ALA A 323 4.24 6.62 -8.59
CA ALA A 323 4.07 6.75 -7.14
C ALA A 323 4.01 5.39 -6.44
N GLU A 324 3.29 4.43 -7.02
CA GLU A 324 3.20 3.11 -6.39
C GLU A 324 4.57 2.42 -6.36
N ASP A 325 5.33 2.53 -7.46
CA ASP A 325 6.67 1.96 -7.50
C ASP A 325 7.59 2.61 -6.47
N ALA A 326 7.47 3.93 -6.29
CA ALA A 326 8.30 4.62 -5.30
C ALA A 326 7.98 4.14 -3.89
N VAL A 327 6.70 3.96 -3.57
CA VAL A 327 6.34 3.44 -2.26
C VAL A 327 6.84 2.01 -2.09
N ARG A 328 6.71 1.17 -3.13
CA ARG A 328 7.25 -0.19 -3.05
C ARG A 328 8.75 -0.17 -2.78
N ASP A 329 9.47 0.76 -3.41
CA ASP A 329 10.92 0.83 -3.23
C ASP A 329 11.27 1.25 -1.81
N PHE A 330 10.56 2.26 -1.28
CA PHE A 330 10.80 2.78 0.06
C PHE A 330 10.50 1.70 1.11
N ILE A 331 9.35 1.04 0.97
CA ILE A 331 8.98 -0.02 1.91
C ILE A 331 9.96 -1.17 1.80
N GLY A 332 10.37 -1.52 0.59
CA GLY A 332 11.35 -2.58 0.42
C GLY A 332 12.67 -2.26 1.10
N ARG A 333 13.08 -0.99 1.06
CA ARG A 333 14.32 -0.61 1.74
C ARG A 333 14.16 -0.70 3.25
N LEU A 334 13.00 -0.30 3.78
CA LEU A 334 12.75 -0.46 5.21
C LEU A 334 12.75 -1.92 5.61
N LYS A 335 12.16 -2.79 4.77
CA LYS A 335 12.17 -4.21 5.08
C LYS A 335 13.59 -4.74 5.22
N LYS A 336 14.48 -4.33 4.31
CA LYS A 336 15.87 -4.80 4.36
C LYS A 336 16.59 -4.28 5.61
N ILE A 337 16.33 -3.04 6.02
CA ILE A 337 16.89 -2.54 7.28
C ILE A 337 16.39 -3.39 8.44
N HIS A 338 15.08 -3.67 8.44
CA HIS A 338 14.47 -4.50 9.48
C HIS A 338 15.14 -5.86 9.57
N GLU A 339 15.45 -6.46 8.43
CA GLU A 339 16.03 -7.80 8.42
C GLU A 339 17.53 -7.80 8.71
N SER A 340 18.18 -6.64 8.64
CA SER A 340 19.64 -6.53 8.68
C SER A 340 20.21 -6.46 10.09
N VAL A 341 19.40 -6.20 11.12
CA VAL A 341 19.89 -6.10 12.49
C VAL A 341 18.96 -6.88 13.40
N ASP A 342 19.50 -7.34 14.53
CA ASP A 342 18.72 -8.09 15.50
C ASP A 342 18.12 -7.21 16.59
N PHE A 343 18.51 -5.94 16.67
CA PHE A 343 17.86 -5.00 17.57
C PHE A 343 16.78 -4.24 16.82
N GLN A 344 16.16 -3.27 17.49
CA GLN A 344 15.14 -2.47 16.85
C GLN A 344 15.76 -1.18 16.35
N PRO A 345 15.96 -1.01 15.05
CA PRO A 345 16.62 0.20 14.54
C PRO A 345 15.69 1.40 14.58
N VAL A 346 16.27 2.57 14.80
CA VAL A 346 15.56 3.84 14.69
C VAL A 346 15.99 4.51 13.39
N VAL A 347 15.02 4.78 12.54
CA VAL A 347 15.28 5.26 11.18
C VAL A 347 14.73 6.67 11.05
N PHE A 348 15.60 7.67 11.06
CA PHE A 348 15.18 9.06 10.91
C PHE A 348 15.16 9.47 9.44
N VAL A 349 14.00 9.97 9.01
CA VAL A 349 13.83 10.49 7.65
C VAL A 349 13.61 11.98 7.82
N VAL A 350 14.59 12.79 7.46
CA VAL A 350 14.56 14.23 7.76
C VAL A 350 14.88 14.99 6.49
N LEU A 351 14.01 15.91 6.11
CA LEU A 351 14.23 16.75 4.93
C LEU A 351 13.21 17.89 5.00
N ASN A 352 13.29 18.78 4.04
CA ASN A 352 12.32 19.86 4.01
C ASN A 352 10.95 19.29 3.66
N GLY A 353 9.90 19.85 4.26
CA GLY A 353 8.56 19.37 4.03
C GLY A 353 7.81 20.08 2.94
N GLU A 354 8.43 21.04 2.27
CA GLU A 354 7.70 21.86 1.31
C GLU A 354 8.40 22.03 -0.03
N ASN A 355 9.63 21.53 -0.18
CA ASN A 355 10.40 21.87 -1.38
C ASN A 355 10.34 20.83 -2.48
N CYS A 356 10.16 19.55 -2.16
CA CYS A 356 10.23 18.54 -3.21
C CYS A 356 8.91 18.37 -3.97
N TRP A 357 7.78 18.74 -3.37
CA TRP A 357 6.48 18.30 -3.89
C TRP A 357 6.11 18.97 -5.22
N GLU A 358 6.56 20.20 -5.47
CA GLU A 358 6.20 20.89 -6.71
C GLU A 358 6.71 20.13 -7.92
N TYR A 359 7.71 19.28 -7.74
CA TYR A 359 8.28 18.48 -8.83
C TYR A 359 7.62 17.11 -8.99
N TYR A 360 6.74 16.72 -8.07
CA TYR A 360 5.97 15.49 -8.21
C TYR A 360 4.68 15.73 -8.98
N GLU A 361 4.21 14.68 -9.65
CA GLU A 361 2.86 14.67 -10.23
C GLU A 361 1.83 14.96 -9.14
N GLU A 362 0.92 15.88 -9.44
CA GLU A 362 -0.17 16.26 -8.53
C GLU A 362 0.37 16.62 -7.14
N ASN A 363 1.49 17.34 -7.14
CA ASN A 363 2.11 17.85 -5.92
C ASN A 363 2.48 16.73 -4.95
N GLY A 364 2.73 15.52 -5.46
CA GLY A 364 3.09 14.43 -4.58
C GLY A 364 1.98 13.88 -3.72
N ILE A 365 0.74 14.34 -3.93
CA ILE A 365 -0.37 13.84 -3.11
C ILE A 365 -0.61 12.36 -3.30
N PRO A 366 -0.62 11.81 -4.54
CA PRO A 366 -0.74 10.34 -4.67
C PRO A 366 0.39 9.59 -3.98
N PHE A 367 1.62 10.11 -4.04
CA PHE A 367 2.73 9.45 -3.37
C PHE A 367 2.54 9.43 -1.86
N LEU A 368 2.27 10.58 -1.24
CA LEU A 368 2.15 10.61 0.20
C LEU A 368 0.94 9.82 0.68
N GLU A 369 -0.18 9.90 -0.04
CA GLU A 369 -1.35 9.14 0.37
C GLU A 369 -1.07 7.65 0.32
N LYS A 370 -0.40 7.19 -0.74
CA LYS A 370 -0.05 5.78 -0.84
C LYS A 370 0.99 5.41 0.21
N LEU A 371 1.97 6.29 0.43
CA LEU A 371 3.02 5.97 1.42
C LEU A 371 2.43 5.86 2.81
N TYR A 372 1.61 6.85 3.21
CA TYR A 372 1.05 6.87 4.55
C TYR A 372 0.03 5.75 4.75
N SER A 373 -0.80 5.48 3.73
CA SER A 373 -1.72 4.35 3.80
C SER A 373 -0.99 3.04 3.98
N THR A 374 0.13 2.87 3.28
CA THR A 374 0.88 1.62 3.34
C THR A 374 1.55 1.47 4.70
N LEU A 375 2.20 2.53 5.17
CA LEU A 375 2.89 2.47 6.46
C LEU A 375 1.93 2.16 7.60
N GLU A 376 0.73 2.74 7.57
CA GLU A 376 -0.17 2.57 8.71
C GLU A 376 -0.65 1.13 8.84
N LYS A 377 -0.50 0.32 7.81
CA LYS A 377 -0.97 -1.07 7.83
C LYS A 377 0.16 -2.08 7.96
N GLU A 378 1.41 -1.63 8.02
CA GLU A 378 2.55 -2.57 8.15
C GLU A 378 2.87 -2.73 9.64
N GLU A 379 2.47 -3.87 10.25
CA GLU A 379 2.51 -3.96 11.72
C GLU A 379 3.93 -4.04 12.26
N TRP A 380 4.93 -4.31 11.42
CA TRP A 380 6.31 -4.35 11.88
C TRP A 380 7.00 -2.99 11.83
N ILE A 381 6.30 -1.96 11.35
CA ILE A 381 6.80 -0.59 11.38
C ILE A 381 5.99 0.17 12.42
N GLU A 382 6.68 0.87 13.32
CA GLU A 382 6.02 1.78 14.26
C GLU A 382 6.61 3.17 14.02
N THR A 383 5.79 4.08 13.51
CA THR A 383 6.22 5.47 13.40
C THR A 383 6.15 6.12 14.77
N LEU A 384 7.09 7.03 15.03
CA LEU A 384 7.25 7.62 16.36
C LEU A 384 7.22 9.13 16.29
N THR A 385 6.74 9.75 17.37
CA THR A 385 7.02 11.16 17.61
C THR A 385 8.47 11.33 18.05
N LEU A 386 8.95 12.58 18.01
CA LEU A 386 10.28 12.86 18.52
C LEU A 386 10.38 12.51 19.99
N GLU A 387 9.32 12.79 20.73
CA GLU A 387 9.28 12.45 22.15
C GLU A 387 9.42 10.94 22.34
N GLU A 388 8.71 10.15 21.53
CA GLU A 388 8.79 8.70 21.64
C GLU A 388 10.17 8.19 21.22
N ALA A 389 10.77 8.77 20.19
CA ALA A 389 12.11 8.38 19.80
C ALA A 389 13.10 8.70 20.91
N MET A 390 12.88 9.80 21.62
CA MET A 390 13.80 10.20 22.68
C MET A 390 13.71 9.27 23.88
N ARG A 391 12.51 8.73 24.16
CA ARG A 391 12.25 7.96 25.38
C ARG A 391 12.40 6.46 25.19
N LYS A 392 12.44 5.99 23.96
CA LYS A 392 12.28 4.56 23.68
C LYS A 392 13.38 3.78 24.38
N GLU A 393 12.99 2.78 25.17
CA GLU A 393 14.00 2.08 25.94
C GLU A 393 14.62 0.91 25.17
N ASP A 394 13.85 0.27 24.31
CA ASP A 394 14.33 -0.95 23.64
C ASP A 394 15.01 -0.64 22.31
N VAL A 395 15.97 0.29 22.35
CA VAL A 395 16.78 0.65 21.20
C VAL A 395 18.25 0.58 21.61
N LYS A 396 19.13 0.54 20.62
CA LYS A 396 20.55 0.57 20.89
C LYS A 396 21.04 2.01 21.01
N THR A 397 22.01 2.23 21.89
CA THR A 397 22.56 3.56 22.10
C THR A 397 24.07 3.49 22.10
N GLU A 398 24.70 4.65 21.95
CA GLU A 398 26.15 4.75 21.94
C GLU A 398 26.54 6.17 22.34
N VAL A 399 27.64 6.29 23.10
CA VAL A 399 28.15 7.60 23.48
C VAL A 399 29.16 8.07 22.43
N ILE A 400 29.09 9.34 22.07
CA ILE A 400 30.01 9.95 21.13
C ILE A 400 30.62 11.16 21.83
N GLU A 401 31.92 11.37 21.63
CA GLU A 401 32.63 12.40 22.39
C GLU A 401 33.07 13.58 21.54
N SER A 402 33.01 13.46 20.21
CA SER A 402 33.46 14.53 19.34
C SER A 402 32.84 14.31 17.97
N VAL A 403 32.50 15.42 17.30
CA VAL A 403 32.03 15.37 15.92
C VAL A 403 32.92 16.28 15.09
N LYS A 404 33.01 15.98 13.81
CA LYS A 404 33.67 16.87 12.86
C LYS A 404 32.62 17.78 12.26
N ALA A 405 32.85 19.08 12.36
CA ALA A 405 31.81 20.04 12.00
C ALA A 405 31.46 19.94 10.51
N GLY A 406 30.17 20.12 10.20
CA GLY A 406 29.74 20.06 8.82
C GLY A 406 28.26 20.32 8.72
N THR A 407 27.71 20.04 7.54
CA THR A 407 26.29 20.21 7.25
C THR A 407 25.85 19.03 6.39
N TRP A 408 24.56 18.99 6.05
CA TRP A 408 24.10 17.90 5.20
C TRP A 408 24.47 18.10 3.75
N PHE A 409 25.08 19.23 3.42
CA PHE A 409 25.65 19.43 2.09
C PHE A 409 27.06 18.88 2.09
N ASP A 410 27.20 17.62 1.69
CA ASP A 410 28.50 16.94 1.56
C ASP A 410 29.31 16.95 2.85
N GLY A 411 28.68 17.20 3.98
CA GLY A 411 29.43 17.28 5.22
C GLY A 411 30.26 18.54 5.38
N ASN A 412 30.04 19.59 4.59
CA ASN A 412 30.92 20.75 4.65
C ASN A 412 30.10 22.04 4.50
N PHE A 413 30.80 23.18 4.49
CA PHE A 413 30.14 24.47 4.49
C PHE A 413 30.25 25.21 3.16
N LEU A 414 30.64 24.51 2.07
CA LEU A 414 30.97 25.21 0.83
C LEU A 414 29.76 25.85 0.16
N LYS A 415 28.57 25.53 0.57
CA LYS A 415 27.44 26.15 -0.04
C LYS A 415 27.19 27.56 0.47
N TRP A 416 27.89 27.95 1.54
CA TRP A 416 27.64 29.23 2.18
C TRP A 416 28.87 30.08 2.38
N ILE A 417 30.07 29.51 2.19
CA ILE A 417 31.30 30.23 2.40
C ILE A 417 32.37 29.57 1.53
N GLY A 418 33.39 30.34 1.16
CA GLY A 418 34.58 29.76 0.58
C GLY A 418 34.78 29.95 -0.91
N ASN A 419 33.97 30.75 -1.58
CA ASN A 419 34.34 31.29 -2.87
C ASN A 419 34.28 32.80 -2.78
N LYS A 420 34.76 33.47 -3.84
CA LYS A 420 34.92 34.92 -3.80
C LYS A 420 33.61 35.63 -3.46
N GLU A 421 32.50 35.19 -4.06
CA GLU A 421 31.25 35.92 -3.92
C GLU A 421 30.58 35.67 -2.58
N LYS A 422 30.53 34.42 -2.13
CA LYS A 422 30.00 34.14 -0.79
C LYS A 422 30.85 34.82 0.27
N ASN A 423 32.17 34.84 0.09
CA ASN A 423 33.03 35.51 1.07
C ASN A 423 32.77 37.02 1.13
N GLU A 424 32.39 37.65 0.00
CA GLU A 424 32.08 39.07 0.09
C GLU A 424 30.88 39.31 0.99
N TYR A 425 29.88 38.42 0.94
CA TYR A 425 28.73 38.55 1.85
C TYR A 425 29.17 38.47 3.29
N TRP A 426 30.02 37.48 3.62
CA TRP A 426 30.52 37.41 4.99
C TRP A 426 31.31 38.66 5.34
N LYS A 427 32.13 39.17 4.42
CA LYS A 427 32.87 40.40 4.70
C LYS A 427 31.91 41.56 4.96
N ILE A 428 30.84 41.64 4.17
CA ILE A 428 29.82 42.66 4.40
C ILE A 428 29.20 42.49 5.78
N LEU A 429 28.86 41.25 6.14
CA LEU A 429 28.27 40.98 7.44
C LEU A 429 29.24 41.30 8.57
N ILE A 430 30.52 40.96 8.40
CA ILE A 430 31.49 41.22 9.46
C ILE A 430 31.61 42.73 9.70
N GLU A 431 31.65 43.51 8.63
CA GLU A 431 31.81 44.95 8.80
C GLU A 431 30.53 45.58 9.35
N ALA A 432 29.36 45.04 8.98
CA ALA A 432 28.11 45.55 9.52
C ALA A 432 27.98 45.21 11.00
N LYS A 433 28.46 44.03 11.40
CA LYS A 433 28.35 43.61 12.80
C LYS A 433 29.07 44.58 13.73
N LYS A 434 30.22 45.09 13.30
CA LYS A 434 30.96 46.07 14.09
C LYS A 434 30.15 47.33 14.37
N LYS A 435 29.17 47.64 13.53
CA LYS A 435 28.38 48.86 13.66
C LYS A 435 26.91 48.57 13.90
N ALA A 436 26.55 47.32 14.23
CA ALA A 436 25.15 46.94 14.33
C ALA A 436 24.50 47.53 15.57
N LYS A 437 23.24 47.94 15.42
CA LYS A 437 22.51 48.58 16.50
C LYS A 437 21.16 47.95 16.79
N ASN A 438 20.76 46.89 16.09
CA ASN A 438 19.47 46.24 16.32
C ASN A 438 19.52 44.82 15.76
N ASP A 439 18.43 44.08 15.97
CA ASP A 439 18.38 42.65 15.64
C ASP A 439 18.25 42.37 14.15
N TYR A 440 18.18 43.40 13.30
CA TYR A 440 18.25 43.10 11.88
C TYR A 440 19.58 42.48 11.50
N ILE A 441 20.61 42.64 12.33
CA ILE A 441 21.85 41.92 12.06
C ILE A 441 21.60 40.41 12.17
N LEU A 442 20.71 39.99 13.06
CA LEU A 442 20.39 38.56 13.14
C LEU A 442 19.71 38.08 11.87
N VAL A 443 18.82 38.89 11.29
CA VAL A 443 18.14 38.51 10.05
C VAL A 443 19.16 38.24 8.96
N ALA A 444 20.18 39.10 8.87
CA ALA A 444 21.20 38.99 7.84
C ALA A 444 22.10 37.78 8.05
N GLU A 445 22.08 37.16 9.24
CA GLU A 445 22.88 35.96 9.49
C GLU A 445 22.19 34.71 8.99
N GLY A 446 20.96 34.81 8.47
CA GLY A 446 20.28 33.63 7.94
C GLY A 446 21.06 32.96 6.83
N SER A 447 20.96 31.63 6.77
CA SER A 447 21.78 30.88 5.82
C SER A 447 21.35 31.14 4.38
N ASP A 448 20.08 31.46 4.15
CA ASP A 448 19.56 31.54 2.79
C ASP A 448 20.32 32.58 1.97
N TRP A 449 20.71 33.70 2.58
CA TRP A 449 21.33 34.75 1.77
C TRP A 449 22.62 34.26 1.16
N PHE A 450 23.37 33.49 1.94
CA PHE A 450 24.65 32.97 1.49
C PHE A 450 24.46 31.84 0.50
N TRP A 451 23.36 31.09 0.65
CA TRP A 451 23.04 30.02 -0.30
C TRP A 451 22.93 30.57 -1.73
N TRP A 452 22.21 31.65 -1.90
CA TRP A 452 22.00 32.20 -3.20
C TRP A 452 23.11 33.01 -3.78
N GLN A 453 23.98 33.55 -2.94
CA GLN A 453 25.05 34.41 -3.42
C GLN A 453 26.09 33.61 -4.20
N GLY A 454 26.57 34.20 -5.30
CA GLY A 454 27.66 33.57 -6.01
C GLY A 454 27.24 32.27 -6.67
N GLU A 455 26.05 32.25 -7.26
CA GLU A 455 25.49 31.06 -7.89
C GLU A 455 24.79 31.49 -9.15
N GLU A 456 25.09 30.80 -10.23
CA GLU A 456 24.38 31.08 -11.46
C GLU A 456 23.11 30.28 -11.27
N LYS A 457 22.17 30.41 -12.19
CA LYS A 457 20.86 29.74 -12.11
C LYS A 457 19.91 30.63 -11.29
N ALA A 458 19.98 30.44 -9.97
CA ALA A 458 19.26 31.14 -8.91
C ALA A 458 18.07 31.99 -9.34
N PRO A 459 16.82 31.36 -9.33
CA PRO A 459 15.70 32.25 -9.69
C PRO A 459 15.46 33.40 -8.71
N PHE A 460 15.32 34.61 -9.22
CA PHE A 460 15.10 35.79 -8.42
C PHE A 460 16.31 36.14 -7.55
N VAL A 461 17.50 35.80 -8.03
CA VAL A 461 18.70 36.04 -7.22
C VAL A 461 18.80 37.49 -6.78
N GLU A 462 18.40 38.44 -7.65
CA GLU A 462 18.53 39.85 -7.30
C GLU A 462 17.64 40.23 -6.14
N VAL A 463 16.51 39.53 -5.95
CA VAL A 463 15.63 39.86 -4.84
C VAL A 463 16.27 39.44 -3.52
N PHE A 464 16.84 38.23 -3.47
CA PHE A 464 17.53 37.81 -2.25
C PHE A 464 18.70 38.74 -1.94
N ASP A 465 19.41 39.20 -2.97
CA ASP A 465 20.52 40.13 -2.74
C ASP A 465 20.01 41.46 -2.21
N LYS A 466 18.92 41.99 -2.79
CA LYS A 466 18.32 43.22 -2.27
C LYS A 466 17.88 43.06 -0.81
N LEU A 467 17.26 41.94 -0.48
CA LEU A 467 16.83 41.71 0.91
C LEU A 467 18.02 41.67 1.86
N PHE A 468 19.02 40.84 1.57
CA PHE A 468 20.20 40.74 2.43
C PHE A 468 20.81 42.12 2.68
N ARG A 469 21.06 42.86 1.59
CA ARG A 469 21.73 44.14 1.76
C ARG A 469 20.83 45.17 2.45
N SER A 470 19.50 45.05 2.28
CA SER A 470 18.61 45.94 3.00
C SER A 470 18.61 45.65 4.50
N PHE A 471 18.64 44.36 4.87
CA PHE A 471 18.73 44.02 6.29
C PHE A 471 20.06 44.48 6.86
N VAL A 472 21.14 44.32 6.10
CA VAL A 472 22.45 44.77 6.55
C VAL A 472 22.44 46.29 6.77
N ARG A 473 21.84 47.04 5.83
CA ARG A 473 21.75 48.49 5.99
C ARG A 473 20.89 48.85 7.21
N ARG A 474 19.75 48.19 7.36
CA ARG A 474 18.83 48.53 8.46
C ARG A 474 19.47 48.23 9.81
N ALA A 475 20.31 47.21 9.90
CA ALA A 475 20.91 46.82 11.18
C ALA A 475 21.85 47.88 11.73
N GLN A 476 22.33 48.80 10.90
CA GLN A 476 23.30 49.80 11.33
C GLN A 476 22.66 51.15 11.56
N GLU A 477 21.35 51.26 11.43
CA GLU A 477 20.63 52.52 11.61
C GLU A 477 19.93 52.51 12.96
N LYS B 2 -3.37 5.89 -18.69
CA LYS B 2 -4.14 4.82 -19.32
C LYS B 2 -3.78 3.46 -18.74
N LYS B 3 -4.57 2.98 -17.78
CA LYS B 3 -4.25 1.74 -17.09
C LYS B 3 -5.15 0.60 -17.55
N LEU B 4 -4.63 -0.62 -17.39
CA LEU B 4 -5.45 -1.82 -17.36
C LEU B 4 -5.61 -2.24 -15.91
N PHE B 5 -6.85 -2.49 -15.51
CA PHE B 5 -7.15 -2.92 -14.14
C PHE B 5 -7.31 -4.43 -14.14
N LEU B 6 -6.52 -5.09 -13.29
CA LEU B 6 -6.44 -6.54 -13.23
C LEU B 6 -6.91 -7.00 -11.87
N VAL B 7 -7.85 -7.94 -11.85
CA VAL B 7 -8.47 -8.39 -10.62
C VAL B 7 -8.37 -9.92 -10.55
N PHE B 8 -7.49 -10.42 -9.67
CA PHE B 8 -7.44 -11.85 -9.37
C PHE B 8 -8.44 -12.18 -8.27
N TRP B 9 -9.18 -13.27 -8.45
CA TRP B 9 -10.14 -13.72 -7.46
C TRP B 9 -9.98 -15.24 -7.38
N TRP B 10 -9.26 -15.69 -6.36
CA TRP B 10 -8.93 -17.10 -6.19
C TRP B 10 -9.99 -17.77 -5.31
N HIS B 11 -10.68 -18.75 -5.87
CA HIS B 11 -11.79 -19.40 -5.20
C HIS B 11 -11.32 -20.70 -4.54
N MET B 12 -11.61 -20.86 -3.25
CA MET B 12 -11.17 -21.98 -2.44
C MET B 12 -12.38 -22.70 -1.87
N HIS B 13 -12.43 -24.03 -2.05
CA HIS B 13 -13.61 -24.78 -1.62
C HIS B 13 -13.28 -26.25 -1.46
N GLN B 14 -13.92 -26.89 -0.48
CA GLN B 14 -13.99 -28.35 -0.41
C GLN B 14 -15.37 -28.72 0.09
N PRO B 15 -16.01 -29.72 -0.52
CA PRO B 15 -17.22 -30.31 0.08
C PRO B 15 -16.90 -30.97 1.40
N LEU B 16 -17.95 -31.25 2.16
CA LEU B 16 -17.79 -31.78 3.51
C LEU B 16 -17.41 -33.26 3.43
N TYR B 17 -16.17 -33.58 3.81
CA TYR B 17 -15.69 -34.95 3.78
C TYR B 17 -16.00 -35.70 5.07
N ARG B 18 -16.59 -35.03 6.05
CA ARG B 18 -16.84 -35.60 7.37
C ARG B 18 -18.12 -36.42 7.35
N GLU B 19 -17.98 -37.74 7.36
CA GLU B 19 -19.12 -38.64 7.42
C GLU B 19 -19.91 -38.41 8.72
N PRO B 20 -21.23 -38.18 8.65
CA PRO B 20 -21.95 -37.71 9.84
C PRO B 20 -22.17 -38.78 10.91
N TYR B 21 -22.08 -40.07 10.58
CA TYR B 21 -22.34 -41.06 11.62
C TYR B 21 -21.07 -41.47 12.36
N THR B 22 -19.92 -41.52 11.66
CA THR B 22 -18.67 -41.89 12.30
C THR B 22 -17.78 -40.70 12.62
N GLY B 23 -18.09 -39.51 12.10
CA GLY B 23 -17.22 -38.36 12.29
C GLY B 23 -15.92 -38.42 11.51
N GLU B 24 -15.72 -39.46 10.69
CA GLU B 24 -14.48 -39.64 9.95
C GLU B 24 -14.45 -38.74 8.73
N TYR B 25 -13.31 -38.09 8.49
CA TYR B 25 -13.06 -37.44 7.21
C TYR B 25 -12.60 -38.50 6.23
N LEU B 26 -13.42 -38.80 5.23
CA LEU B 26 -13.22 -39.96 4.37
C LEU B 26 -12.22 -39.72 3.26
N LEU B 27 -11.86 -38.47 2.99
CA LEU B 27 -10.81 -38.12 2.06
C LEU B 27 -9.98 -37.00 2.68
N PRO B 28 -8.67 -36.95 2.40
CA PRO B 28 -7.79 -35.98 3.05
C PRO B 28 -7.60 -34.69 2.27
N TRP B 29 -8.46 -34.42 1.28
CA TRP B 29 -8.19 -33.31 0.34
C TRP B 29 -8.18 -31.95 1.04
N THR B 30 -8.97 -31.76 2.08
CA THR B 30 -8.94 -30.48 2.79
C THR B 30 -7.61 -30.29 3.50
N PHE B 31 -7.12 -31.34 4.16
CA PHE B 31 -5.81 -31.28 4.80
C PHE B 31 -4.71 -30.96 3.80
N PHE B 32 -4.68 -31.70 2.69
CA PHE B 32 -3.58 -31.55 1.74
C PHE B 32 -3.60 -30.20 1.04
N HIS B 33 -4.80 -29.71 0.68
CA HIS B 33 -4.83 -28.40 0.04
C HIS B 33 -4.65 -27.27 1.04
N ALA B 34 -4.96 -27.47 2.32
CA ALA B 34 -4.65 -26.45 3.31
C ALA B 34 -3.14 -26.30 3.46
N VAL B 35 -2.40 -27.41 3.52
CA VAL B 35 -0.96 -27.29 3.72
C VAL B 35 -0.27 -26.82 2.45
N LYS B 36 -0.83 -27.15 1.27
CA LYS B 36 -0.18 -26.78 0.00
C LYS B 36 -0.63 -25.43 -0.53
N ASP B 37 -1.93 -25.10 -0.41
CA ASP B 37 -2.46 -23.95 -1.15
C ASP B 37 -3.17 -22.91 -0.29
N TYR B 38 -3.95 -23.31 0.73
CA TYR B 38 -4.89 -22.36 1.32
C TYR B 38 -4.18 -21.32 2.19
N TYR B 39 -3.08 -21.69 2.84
CA TYR B 39 -2.28 -20.68 3.53
C TYR B 39 -1.36 -19.96 2.55
N ASP B 40 -0.76 -20.71 1.63
CA ASP B 40 0.32 -20.15 0.82
C ASP B 40 -0.18 -19.18 -0.25
N MET B 41 -1.39 -19.35 -0.77
CA MET B 41 -1.86 -18.43 -1.79
C MET B 41 -2.01 -17.00 -1.27
N PRO B 42 -2.69 -16.74 -0.14
CA PRO B 42 -2.64 -15.37 0.42
C PRO B 42 -1.28 -15.00 0.96
N ALA B 43 -0.45 -15.98 1.35
CA ALA B 43 0.87 -15.66 1.89
C ALA B 43 1.79 -15.01 0.87
N TYR B 44 1.53 -15.20 -0.44
CA TYR B 44 2.32 -14.50 -1.45
C TYR B 44 2.31 -12.99 -1.23
N LEU B 45 1.23 -12.45 -0.64
CA LEU B 45 1.10 -11.00 -0.48
C LEU B 45 2.09 -10.44 0.53
N LYS B 46 2.74 -11.29 1.32
CA LYS B 46 3.81 -10.80 2.19
C LYS B 46 5.04 -10.42 1.38
N ASP B 47 5.25 -11.05 0.22
CA ASP B 47 6.45 -10.86 -0.57
C ASP B 47 6.23 -10.03 -1.83
N PHE B 48 4.98 -9.85 -2.26
CA PHE B 48 4.68 -9.12 -3.49
C PHE B 48 3.62 -8.07 -3.19
N GLU B 49 3.93 -6.83 -3.56
CA GLU B 49 3.09 -5.67 -3.20
C GLU B 49 2.06 -5.41 -4.29
N ILE B 50 1.21 -6.43 -4.49
CA ILE B 50 0.10 -6.37 -5.43
C ILE B 50 -1.18 -6.66 -4.64
N LYS B 51 -2.32 -6.60 -5.32
CA LYS B 51 -3.60 -6.97 -4.71
C LYS B 51 -4.03 -8.33 -5.25
N LEU B 52 -4.46 -9.21 -4.35
CA LEU B 52 -5.04 -10.50 -4.70
C LEU B 52 -6.27 -10.73 -3.85
N ASN B 53 -7.34 -11.24 -4.47
CA ASN B 53 -8.58 -11.48 -3.75
C ASN B 53 -8.88 -12.97 -3.66
N PHE B 54 -9.71 -13.32 -2.67
CA PHE B 54 -9.93 -14.72 -2.32
C PHE B 54 -11.39 -14.96 -2.00
N ASN B 55 -11.88 -16.14 -2.38
CA ASN B 55 -13.16 -16.64 -1.92
C ASN B 55 -12.95 -17.89 -1.07
N LEU B 56 -13.60 -17.93 0.08
CA LEU B 56 -13.60 -19.11 0.97
C LEU B 56 -15.04 -19.54 1.20
N THR B 57 -15.38 -20.77 0.83
CA THR B 57 -16.74 -21.23 1.13
C THR B 57 -16.85 -21.55 2.61
N PRO B 58 -18.04 -21.34 3.21
CA PRO B 58 -18.18 -21.63 4.64
C PRO B 58 -17.94 -23.08 4.99
N VAL B 59 -18.32 -24.01 4.11
CA VAL B 59 -18.07 -25.42 4.44
C VAL B 59 -16.57 -25.71 4.47
N LEU B 60 -15.78 -25.04 3.61
CA LEU B 60 -14.33 -25.17 3.71
C LEU B 60 -13.83 -24.63 5.03
N ILE B 61 -14.29 -23.44 5.41
CA ILE B 61 -13.86 -22.82 6.67
C ILE B 61 -14.14 -23.76 7.84
N ASP B 62 -15.34 -24.36 7.88
CA ASP B 62 -15.69 -25.30 8.96
C ASP B 62 -14.65 -26.40 9.09
N GLN B 63 -14.17 -26.94 7.96
CA GLN B 63 -13.23 -28.04 8.00
C GLN B 63 -11.83 -27.57 8.38
N ILE B 64 -11.43 -26.38 7.92
CA ILE B 64 -10.15 -25.85 8.36
C ILE B 64 -10.14 -25.67 9.88
N GLN B 65 -11.26 -25.19 10.42
CA GLN B 65 -11.34 -25.00 11.87
C GLN B 65 -11.22 -26.31 12.62
N GLU B 66 -11.83 -27.37 12.08
CA GLU B 66 -11.79 -28.67 12.75
C GLU B 66 -10.39 -29.26 12.72
N TYR B 67 -9.72 -29.20 11.58
CA TYR B 67 -8.32 -29.62 11.52
C TYR B 67 -7.46 -28.76 12.45
N ALA B 68 -7.71 -27.45 12.47
CA ALA B 68 -6.90 -26.54 13.30
C ALA B 68 -7.03 -26.87 14.78
N GLN B 69 -8.17 -27.38 15.21
CA GLN B 69 -8.39 -27.69 16.62
C GLN B 69 -7.99 -29.11 16.98
N GLY B 70 -7.30 -29.82 16.08
CA GLY B 70 -6.94 -31.21 16.33
C GLY B 70 -8.10 -32.16 16.40
N LYS B 71 -9.27 -31.75 15.89
CA LYS B 71 -10.49 -32.54 16.05
C LYS B 71 -10.76 -33.48 14.89
N ALA B 72 -10.15 -33.28 13.72
CA ALA B 72 -10.55 -33.98 12.51
C ALA B 72 -10.02 -35.41 12.52
N LYS B 73 -10.92 -36.39 12.42
CA LYS B 73 -10.56 -37.80 12.35
C LYS B 73 -10.41 -38.15 10.87
N ASP B 74 -9.21 -37.97 10.34
CA ASP B 74 -8.92 -38.15 8.93
C ASP B 74 -8.36 -39.56 8.75
N VAL B 75 -9.12 -40.43 8.07
CA VAL B 75 -8.77 -41.84 8.01
C VAL B 75 -7.47 -42.05 7.23
N PHE B 76 -7.29 -41.34 6.11
CA PHE B 76 -6.04 -41.45 5.37
C PHE B 76 -4.86 -40.93 6.18
N LEU B 77 -5.06 -39.82 6.88
CA LEU B 77 -3.98 -39.25 7.68
C LEU B 77 -3.56 -40.21 8.79
N GLU B 78 -4.54 -40.93 9.36
CA GLU B 78 -4.21 -41.90 10.39
C GLU B 78 -3.34 -43.01 9.83
N ALA B 79 -3.57 -43.40 8.57
CA ALA B 79 -2.70 -44.38 7.93
C ALA B 79 -1.29 -43.82 7.70
N ILE B 80 -1.18 -42.52 7.47
CA ILE B 80 0.14 -41.91 7.31
C ILE B 80 0.87 -41.86 8.65
N ARG B 81 0.16 -41.52 9.72
CA ARG B 81 0.81 -41.23 10.99
C ARG B 81 1.36 -42.51 11.64
N LYS B 82 0.66 -43.64 11.49
CA LYS B 82 1.01 -44.86 12.18
C LYS B 82 2.42 -45.36 11.83
N ASP B 83 3.06 -45.99 12.79
CA ASP B 83 4.21 -46.82 12.48
C ASP B 83 3.77 -47.90 11.50
N PRO B 84 4.56 -48.18 10.46
CA PRO B 84 4.15 -49.19 9.47
C PRO B 84 3.85 -50.56 10.07
N ASP B 85 4.47 -50.91 11.19
CA ASP B 85 4.16 -52.20 11.83
C ASP B 85 2.71 -52.28 12.29
N ASP B 86 2.04 -51.14 12.46
CA ASP B 86 0.67 -51.10 12.92
C ASP B 86 -0.33 -50.88 11.78
N LEU B 87 0.14 -50.78 10.55
CA LEU B 87 -0.75 -50.53 9.40
C LEU B 87 -1.59 -51.77 9.10
N GLU B 88 -2.90 -51.55 8.92
CA GLU B 88 -3.78 -52.61 8.46
C GLU B 88 -3.55 -52.87 6.98
N LYS B 89 -3.91 -54.09 6.55
CA LYS B 89 -3.85 -54.39 5.13
C LYS B 89 -4.71 -53.42 4.32
N GLU B 90 -5.90 -53.06 4.83
CA GLU B 90 -6.72 -52.06 4.14
C GLU B 90 -5.96 -50.75 3.97
N GLU B 91 -5.22 -50.35 5.01
CA GLU B 91 -4.57 -49.05 5.05
C GLU B 91 -3.37 -49.00 4.13
N VAL B 92 -2.61 -50.10 4.05
CA VAL B 92 -1.54 -50.16 3.06
C VAL B 92 -2.13 -50.05 1.66
N GLU B 93 -3.25 -50.75 1.41
CA GLU B 93 -3.90 -50.69 0.11
C GLU B 93 -4.30 -49.26 -0.27
N LYS B 94 -4.89 -48.51 0.67
CA LYS B 94 -5.29 -47.14 0.38
C LYS B 94 -4.08 -46.24 0.14
N LEU B 95 -2.99 -46.46 0.89
CA LEU B 95 -1.78 -45.66 0.70
C LEU B 95 -1.20 -45.87 -0.69
N ILE B 96 -1.14 -47.12 -1.14
CA ILE B 96 -0.64 -47.42 -2.47
C ILE B 96 -1.59 -46.87 -3.53
N GLU B 97 -2.89 -47.04 -3.32
CA GLU B 97 -3.89 -46.51 -4.25
C GLU B 97 -3.78 -44.99 -4.36
N PHE B 98 -3.63 -44.30 -3.24
CA PHE B 98 -3.52 -42.83 -3.27
C PHE B 98 -2.25 -42.40 -3.97
N THR B 99 -1.15 -43.15 -3.79
CA THR B 99 0.08 -42.81 -4.48
C THR B 99 -0.07 -42.98 -5.99
N LYS B 100 -0.70 -44.08 -6.41
CA LYS B 100 -0.93 -44.32 -7.84
C LYS B 100 -1.76 -43.21 -8.46
N LEU B 101 -2.78 -42.72 -7.74
CA LEU B 101 -3.61 -41.67 -8.28
C LEU B 101 -2.82 -40.40 -8.55
N ASN B 102 -1.80 -40.12 -7.73
CA ASN B 102 -1.06 -38.87 -7.79
C ASN B 102 0.31 -39.02 -8.43
N TYR B 103 0.69 -40.23 -8.83
CA TYR B 103 2.08 -40.56 -9.16
C TYR B 103 2.61 -39.71 -10.30
N GLU B 104 1.77 -39.43 -11.31
CA GLU B 104 2.21 -38.70 -12.50
C GLU B 104 2.31 -37.20 -12.28
N LYS B 105 1.82 -36.68 -11.17
CA LYS B 105 1.81 -35.23 -10.98
C LYS B 105 3.22 -34.73 -10.66
N PRO B 106 3.60 -33.56 -11.17
CA PRO B 106 4.95 -33.05 -10.91
C PRO B 106 5.28 -32.90 -9.42
N ILE B 107 4.29 -32.66 -8.59
CA ILE B 107 4.61 -32.57 -7.17
C ILE B 107 5.02 -33.91 -6.54
N TYR B 108 4.75 -34.99 -7.21
CA TYR B 108 5.09 -36.32 -6.71
C TYR B 108 6.38 -36.84 -7.31
N ARG B 109 7.16 -35.98 -7.94
CA ARG B 109 8.38 -36.42 -8.55
C ARG B 109 9.54 -36.61 -7.57
N PHE B 110 9.60 -37.78 -6.98
CA PHE B 110 10.65 -38.12 -6.09
C PHE B 110 11.03 -39.50 -6.59
N GLU B 111 12.31 -39.68 -6.81
CA GLU B 111 12.87 -40.90 -7.31
C GLU B 111 12.48 -42.08 -6.43
N ARG B 112 12.52 -41.89 -5.14
CA ARG B 112 12.18 -42.97 -4.22
C ARG B 112 10.74 -43.50 -4.41
N ILE B 113 9.81 -42.62 -4.76
CA ILE B 113 8.44 -43.04 -4.99
C ILE B 113 8.42 -43.98 -6.17
N ARG B 114 9.24 -43.68 -7.15
CA ARG B 114 9.41 -44.44 -8.35
C ARG B 114 9.85 -45.82 -7.98
N GLU B 115 10.79 -45.87 -7.07
CA GLU B 115 11.37 -47.10 -6.58
C GLU B 115 10.35 -47.94 -5.81
N LEU B 116 9.64 -47.32 -4.89
CA LEU B 116 8.66 -47.98 -4.08
C LEU B 116 7.51 -48.53 -4.89
N MET B 117 7.04 -47.78 -5.87
CA MET B 117 5.93 -48.24 -6.68
C MET B 117 6.38 -49.37 -7.59
N ASN B 118 7.64 -49.74 -7.48
CA ASN B 118 8.16 -50.80 -8.28
C ASN B 118 8.15 -52.11 -7.47
N LYS B 119 8.37 -51.98 -6.16
CA LYS B 119 8.41 -53.10 -5.23
C LYS B 119 7.15 -53.89 -5.07
N GLU B 120 7.31 -55.20 -4.99
CA GLU B 120 6.19 -56.09 -4.85
C GLU B 120 5.51 -56.06 -3.47
N LYS B 121 6.28 -56.05 -2.40
CA LYS B 121 5.74 -55.96 -1.06
C LYS B 121 6.60 -54.91 -0.42
N LEU B 122 6.16 -54.26 0.64
CA LEU B 122 6.95 -53.22 1.23
C LEU B 122 7.26 -53.41 2.70
N ASN B 123 8.53 -53.33 3.07
CA ASN B 123 8.88 -53.52 4.46
C ASN B 123 8.60 -52.24 5.26
N ARG B 124 8.92 -52.26 6.53
CA ARG B 124 8.67 -51.13 7.37
C ARG B 124 9.40 -49.87 6.91
N GLU B 125 10.64 -50.00 6.53
CA GLU B 125 11.40 -48.84 6.11
C GLU B 125 10.84 -48.25 4.83
N GLU B 126 10.47 -49.11 3.91
CA GLU B 126 9.90 -48.70 2.68
C GLU B 126 8.55 -48.00 2.90
N LEU B 127 7.70 -48.58 3.74
CA LEU B 127 6.41 -47.97 4.01
C LEU B 127 6.57 -46.61 4.69
N LEU B 128 7.59 -46.47 5.55
CA LEU B 128 7.87 -45.17 6.15
C LEU B 128 8.15 -44.12 5.07
N ASP B 129 8.92 -44.50 4.05
CA ASP B 129 9.23 -43.56 2.97
C ASP B 129 7.98 -43.24 2.16
N LEU B 130 7.14 -44.25 1.90
CA LEU B 130 5.90 -44.01 1.18
C LEU B 130 5.01 -43.03 1.93
N GLN B 131 4.85 -43.26 3.24
CA GLN B 131 4.09 -42.34 4.07
C GLN B 131 4.67 -40.94 4.00
N THR B 132 5.97 -40.80 4.27
CA THR B 132 6.58 -39.49 4.39
C THR B 132 6.61 -38.77 3.06
N LEU B 133 6.88 -39.48 1.96
CA LEU B 133 6.96 -38.80 0.67
C LEU B 133 5.59 -38.36 0.19
N ASN B 134 4.54 -39.12 0.54
CA ASN B 134 3.19 -38.63 0.27
C ASN B 134 2.95 -37.31 0.99
N LEU B 135 3.43 -37.19 2.23
CA LEU B 135 3.31 -35.93 2.96
C LEU B 135 4.11 -34.82 2.28
N LEU B 136 5.38 -35.09 1.97
CA LEU B 136 6.25 -34.05 1.46
C LEU B 136 5.84 -33.57 0.08
N ALA B 137 5.15 -34.43 -0.68
CA ALA B 137 4.70 -34.02 -2.01
C ALA B 137 3.76 -32.82 -1.96
N TRP B 138 3.07 -32.64 -0.84
CA TRP B 138 2.09 -31.57 -0.69
C TRP B 138 2.65 -30.36 0.06
N CYS B 139 3.97 -30.30 0.24
CA CYS B 139 4.58 -29.17 0.94
C CYS B 139 4.33 -27.89 0.17
N GLY B 140 3.87 -26.85 0.86
CA GLY B 140 3.62 -25.55 0.26
C GLY B 140 4.85 -24.66 0.26
N ARG B 141 4.69 -23.49 -0.37
CA ARG B 141 5.80 -22.56 -0.55
C ARG B 141 6.48 -22.21 0.78
N THR B 142 5.69 -21.92 1.81
CA THR B 142 6.26 -21.40 3.06
C THR B 142 7.17 -22.43 3.71
N LEU B 143 6.76 -23.69 3.72
CA LEU B 143 7.50 -24.73 4.42
C LEU B 143 8.66 -25.31 3.61
N ARG B 144 8.80 -24.92 2.34
CA ARG B 144 9.89 -25.47 1.54
C ARG B 144 11.25 -25.14 2.14
N LYS B 145 11.37 -24.01 2.85
CA LYS B 145 12.63 -23.70 3.53
C LYS B 145 12.82 -24.55 4.78
N ASP B 146 11.85 -24.54 5.70
CA ASP B 146 12.00 -25.28 6.95
C ASP B 146 12.21 -26.77 6.70
N LEU B 147 11.64 -27.29 5.61
CA LEU B 147 11.70 -28.72 5.33
C LEU B 147 12.71 -29.06 4.24
N LYS B 148 13.53 -28.09 3.82
CA LYS B 148 14.51 -28.33 2.77
C LYS B 148 15.40 -29.55 3.08
N ASP B 149 15.87 -29.63 4.32
CA ASP B 149 16.61 -30.80 4.82
C ASP B 149 15.94 -32.12 4.43
N LEU B 150 14.67 -32.27 4.80
CA LEU B 150 13.98 -33.54 4.59
C LEU B 150 13.58 -33.71 3.13
N LEU B 151 13.22 -32.61 2.45
CA LEU B 151 12.88 -32.68 1.04
C LEU B 151 14.06 -33.21 0.22
N ASN B 152 15.28 -32.80 0.56
CA ASN B 152 16.45 -33.25 -0.17
C ASN B 152 16.98 -34.60 0.33
N LYS B 153 16.55 -35.06 1.51
CA LYS B 153 16.98 -36.37 1.98
C LYS B 153 16.53 -37.47 1.01
N GLY B 154 15.28 -37.40 0.58
CA GLY B 154 14.80 -38.24 -0.51
C GLY B 154 14.34 -39.63 -0.14
N ARG B 155 14.87 -40.19 0.94
CA ARG B 155 14.61 -41.58 1.30
C ARG B 155 15.06 -41.79 2.74
N ASN B 156 14.73 -42.98 3.26
CA ASN B 156 15.20 -43.45 4.58
C ASN B 156 14.66 -42.56 5.70
N TYR B 157 13.37 -42.26 5.64
CA TYR B 157 12.75 -41.39 6.63
C TYR B 157 12.42 -42.18 7.89
N THR B 158 12.52 -41.50 9.03
CA THR B 158 12.18 -42.10 10.32
C THR B 158 10.78 -41.66 10.75
N GLN B 159 10.20 -42.43 11.68
CA GLN B 159 8.90 -42.08 12.25
C GLN B 159 8.94 -40.69 12.89
N GLU B 160 10.06 -40.34 13.53
CA GLU B 160 10.17 -39.06 14.21
C GLU B 160 10.25 -37.90 13.20
N GLU B 161 10.91 -38.11 12.04
CA GLU B 161 10.93 -37.10 10.99
C GLU B 161 9.53 -36.93 10.39
N LYS B 162 8.84 -38.04 10.15
CA LYS B 162 7.46 -37.97 9.65
C LYS B 162 6.59 -37.16 10.60
N GLU B 163 6.72 -37.40 11.90
CA GLU B 163 5.94 -36.68 12.91
C GLU B 163 6.29 -35.20 12.95
N TYR B 164 7.57 -34.87 12.69
CA TYR B 164 7.97 -33.47 12.58
C TYR B 164 7.25 -32.79 11.43
N VAL B 165 7.21 -33.43 10.26
CA VAL B 165 6.50 -32.87 9.12
C VAL B 165 5.04 -32.64 9.46
N LEU B 166 4.40 -33.65 10.05
CA LEU B 166 2.99 -33.51 10.42
C LEU B 166 2.79 -32.34 11.37
N ASN B 167 3.71 -32.15 12.32
CA ASN B 167 3.57 -31.03 13.24
C ASN B 167 3.66 -29.69 12.52
N LYS B 168 4.63 -29.56 11.61
CA LYS B 168 4.74 -28.32 10.84
C LYS B 168 3.52 -28.13 9.96
N TYR B 169 2.96 -29.21 9.41
CA TYR B 169 1.78 -29.08 8.57
C TYR B 169 0.60 -28.56 9.39
N PHE B 170 0.41 -29.11 10.60
CA PHE B 170 -0.70 -28.64 11.42
C PHE B 170 -0.47 -27.21 11.88
N GLU B 171 0.78 -26.81 12.11
CA GLU B 171 1.08 -25.42 12.40
C GLU B 171 0.59 -24.48 11.30
N ILE B 172 0.79 -24.87 10.03
CA ILE B 172 0.30 -24.06 8.92
C ILE B 172 -1.22 -23.99 8.94
N ILE B 173 -1.89 -25.11 9.17
CA ILE B 173 -3.34 -25.12 9.22
C ILE B 173 -3.85 -24.19 10.31
N LYS B 174 -3.22 -24.25 11.49
CA LYS B 174 -3.63 -23.38 12.59
C LYS B 174 -3.48 -21.90 12.27
N LYS B 175 -2.60 -21.55 11.33
CA LYS B 175 -2.39 -20.15 10.96
C LYS B 175 -3.26 -19.70 9.80
N THR B 176 -4.02 -20.60 9.19
CA THR B 176 -4.53 -20.34 7.85
C THR B 176 -5.61 -19.24 7.87
N LEU B 177 -6.61 -19.37 8.75
CA LEU B 177 -7.65 -18.35 8.75
C LEU B 177 -7.10 -16.99 9.14
N SER B 178 -6.06 -16.99 9.99
CA SER B 178 -5.46 -15.74 10.45
C SER B 178 -4.85 -14.96 9.30
N ILE B 179 -4.29 -15.65 8.30
CA ILE B 179 -3.66 -14.89 7.22
C ILE B 179 -4.71 -14.23 6.34
N TYR B 180 -5.88 -14.85 6.17
CA TYR B 180 -6.96 -14.18 5.43
C TYR B 180 -7.46 -12.95 6.18
N ARG B 181 -7.60 -13.06 7.50
CA ARG B 181 -7.97 -11.89 8.28
C ARG B 181 -6.92 -10.79 8.14
N GLU B 182 -5.65 -11.17 8.13
CA GLU B 182 -4.58 -10.19 8.04
C GLU B 182 -4.59 -9.45 6.71
N ILE B 183 -4.58 -10.18 5.59
CA ILE B 183 -4.49 -9.50 4.30
C ILE B 183 -5.74 -8.68 4.05
N LYS B 184 -6.87 -9.06 4.64
CA LYS B 184 -8.06 -8.23 4.55
C LYS B 184 -7.88 -6.95 5.37
N GLU B 185 -7.41 -7.09 6.61
CA GLU B 185 -7.22 -5.91 7.46
C GLU B 185 -6.10 -5.01 6.94
N GLU B 186 -5.12 -5.56 6.23
CA GLU B 186 -4.04 -4.79 5.63
C GLU B 186 -4.42 -4.14 4.30
N GLY B 187 -5.63 -4.40 3.79
CA GLY B 187 -6.01 -3.84 2.50
C GLY B 187 -5.32 -4.45 1.31
N LYS B 188 -4.67 -5.61 1.48
CA LYS B 188 -3.94 -6.24 0.39
C LYS B 188 -4.84 -7.11 -0.48
N GLY B 189 -6.02 -7.44 0.01
CA GLY B 189 -7.00 -8.13 -0.82
C GLY B 189 -8.33 -8.15 -0.12
N SER B 190 -9.38 -8.34 -0.93
CA SER B 190 -10.70 -8.58 -0.40
C SER B 190 -10.92 -10.07 -0.22
N VAL B 191 -11.76 -10.44 0.75
CA VAL B 191 -12.16 -11.82 0.94
C VAL B 191 -13.68 -11.89 0.84
N SER B 192 -14.15 -12.79 -0.01
CA SER B 192 -15.57 -13.07 -0.22
C SER B 192 -15.91 -14.45 0.30
N THR B 193 -17.19 -14.78 0.27
CA THR B 193 -17.65 -16.14 0.55
C THR B 193 -18.73 -16.51 -0.47
N SER B 194 -19.19 -17.76 -0.40
CA SER B 194 -20.24 -18.31 -1.24
C SER B 194 -21.38 -18.80 -0.36
N PRO B 195 -22.59 -18.98 -0.93
CA PRO B 195 -23.64 -19.74 -0.23
C PRO B 195 -23.08 -21.02 0.38
N TYR B 196 -23.60 -21.41 1.55
CA TYR B 196 -22.80 -22.12 2.56
C TYR B 196 -22.17 -23.41 2.04
N TYR B 197 -22.97 -24.31 1.46
CA TYR B 197 -22.42 -25.59 0.99
C TYR B 197 -22.18 -25.61 -0.51
N HIS B 198 -21.97 -24.45 -1.13
CA HIS B 198 -21.62 -24.36 -2.56
C HIS B 198 -22.68 -25.02 -3.44
N PRO B 199 -23.96 -24.69 -3.27
CA PRO B 199 -25.02 -25.25 -4.13
C PRO B 199 -25.18 -24.45 -5.42
N LEU B 200 -26.00 -25.00 -6.33
CA LEU B 200 -26.41 -24.27 -7.53
C LEU B 200 -27.70 -23.52 -7.20
N ILE B 201 -27.52 -22.27 -6.76
CA ILE B 201 -28.63 -21.42 -6.33
C ILE B 201 -29.69 -21.30 -7.43
N PRO B 202 -29.35 -21.12 -8.72
CA PRO B 202 -30.43 -20.98 -9.71
C PRO B 202 -31.34 -22.20 -9.82
N ILE B 203 -30.81 -23.42 -9.65
CA ILE B 203 -31.67 -24.58 -9.71
C ILE B 203 -32.56 -24.67 -8.48
N LEU B 204 -32.01 -24.37 -7.29
CA LEU B 204 -32.84 -24.39 -6.08
C LEU B 204 -33.97 -23.37 -6.17
N LEU B 205 -33.71 -22.21 -6.79
CA LEU B 205 -34.75 -21.20 -6.86
C LEU B 205 -35.81 -21.57 -7.90
N ASN B 206 -35.40 -22.13 -9.02
CA ASN B 206 -36.28 -22.37 -10.15
C ASN B 206 -35.65 -23.40 -11.09
N PRO B 207 -35.94 -24.69 -10.89
CA PRO B 207 -35.32 -25.71 -11.76
C PRO B 207 -35.58 -25.50 -13.23
N ASN B 208 -36.67 -24.84 -13.60
CA ASN B 208 -36.96 -24.57 -15.01
C ASN B 208 -35.91 -23.69 -15.68
N CYS B 209 -35.02 -23.04 -14.93
CA CYS B 209 -34.00 -22.21 -15.58
C CYS B 209 -33.02 -23.04 -16.40
N VAL B 210 -32.99 -24.36 -16.23
CA VAL B 210 -32.11 -25.19 -17.06
C VAL B 210 -32.53 -25.14 -18.53
N TYR B 211 -33.82 -24.89 -18.81
CA TYR B 211 -34.27 -24.85 -20.19
C TYR B 211 -33.79 -23.62 -20.94
N GLU B 212 -33.28 -22.61 -20.24
CA GLU B 212 -32.89 -21.37 -20.91
C GLU B 212 -31.73 -21.58 -21.88
N THR B 213 -30.77 -22.44 -21.52
CA THR B 213 -29.67 -22.72 -22.43
C THR B 213 -29.62 -24.17 -22.93
N THR B 214 -30.35 -25.09 -22.32
CA THR B 214 -30.50 -26.45 -22.84
C THR B 214 -31.98 -26.79 -22.85
N PRO B 215 -32.71 -26.31 -23.87
CA PRO B 215 -34.16 -26.50 -23.88
C PRO B 215 -34.61 -27.95 -24.01
N ASN B 216 -33.76 -28.84 -24.51
CA ASN B 216 -34.13 -30.23 -24.78
C ASN B 216 -33.74 -31.17 -23.66
N VAL B 217 -33.35 -30.66 -22.51
CA VAL B 217 -32.85 -31.52 -21.44
C VAL B 217 -34.01 -32.09 -20.65
N LYS B 218 -33.79 -33.27 -20.06
CA LYS B 218 -34.78 -33.95 -19.25
C LYS B 218 -34.40 -33.81 -17.78
N ILE B 219 -35.29 -33.22 -17.00
CA ILE B 219 -35.06 -32.93 -15.59
C ILE B 219 -36.00 -33.83 -14.80
N PRO B 220 -35.70 -34.15 -13.57
CA PRO B 220 -36.70 -34.79 -12.71
C PRO B 220 -37.81 -33.83 -12.34
N ASP B 221 -38.87 -34.38 -11.76
CA ASP B 221 -39.98 -33.60 -11.24
C ASP B 221 -39.62 -33.05 -9.87
N PHE B 222 -39.51 -31.73 -9.78
CA PHE B 222 -39.30 -31.07 -8.49
C PHE B 222 -40.67 -30.79 -7.89
N ALA B 223 -41.19 -31.77 -7.14
CA ALA B 223 -42.47 -31.65 -6.44
C ALA B 223 -42.30 -31.13 -5.03
N VAL B 224 -41.27 -30.33 -4.80
CA VAL B 224 -41.02 -29.72 -3.50
C VAL B 224 -40.21 -28.47 -3.79
N SER B 225 -40.36 -27.47 -2.94
CA SER B 225 -39.69 -26.23 -3.22
C SER B 225 -38.39 -26.14 -2.43
N PHE B 226 -37.33 -25.70 -3.11
CA PHE B 226 -36.01 -25.47 -2.52
C PHE B 226 -35.71 -23.98 -2.35
N ARG B 227 -36.71 -23.12 -2.52
CA ARG B 227 -36.45 -21.68 -2.53
C ARG B 227 -35.95 -21.18 -1.17
N GLU B 228 -36.52 -21.66 -0.05
CA GLU B 228 -36.03 -21.21 1.26
C GLU B 228 -34.64 -21.73 1.54
N ASP B 229 -34.36 -22.98 1.14
CA ASP B 229 -33.00 -23.50 1.29
C ASP B 229 -31.98 -22.61 0.60
N ALA B 230 -32.32 -22.10 -0.60
CA ALA B 230 -31.42 -21.18 -1.28
C ALA B 230 -31.15 -19.95 -0.43
N SER B 231 -32.20 -19.35 0.13
CA SER B 231 -32.02 -18.22 1.04
C SER B 231 -31.14 -18.60 2.22
N LYS B 232 -31.40 -19.78 2.81
CA LYS B 232 -30.66 -20.18 4.00
C LYS B 232 -29.18 -20.38 3.69
N HIS B 233 -28.86 -20.96 2.54
CA HIS B 233 -27.46 -21.04 2.13
C HIS B 233 -26.79 -19.67 2.18
N VAL B 234 -27.47 -18.66 1.64
CA VAL B 234 -26.87 -17.33 1.59
C VAL B 234 -26.80 -16.73 3.00
N GLU B 235 -27.90 -16.82 3.74
CA GLU B 235 -27.94 -16.22 5.08
C GLU B 235 -26.91 -16.85 6.01
N LEU B 236 -26.83 -18.18 6.02
CA LEU B 236 -25.87 -18.85 6.89
C LEU B 236 -24.43 -18.55 6.52
N ALA B 237 -24.16 -18.36 5.21
CA ALA B 237 -22.83 -17.96 4.80
C ALA B 237 -22.49 -16.55 5.29
N LYS B 238 -23.45 -15.63 5.21
CA LYS B 238 -23.22 -14.28 5.71
C LYS B 238 -22.86 -14.31 7.18
N GLU B 239 -23.54 -15.14 7.97
CA GLU B 239 -23.26 -15.20 9.39
C GLU B 239 -21.94 -15.89 9.68
N LYS B 240 -21.57 -16.89 8.88
CA LYS B 240 -20.26 -17.52 9.05
C LYS B 240 -19.15 -16.54 8.72
N TYR B 241 -19.31 -15.77 7.64
CA TYR B 241 -18.30 -14.78 7.27
C TYR B 241 -18.13 -13.74 8.36
N PHE B 242 -19.25 -13.29 8.94
CA PHE B 242 -19.20 -12.34 10.05
C PHE B 242 -18.45 -12.91 11.25
N GLU B 243 -18.64 -14.21 11.52
CA GLU B 243 -17.97 -14.80 12.67
C GLU B 243 -16.46 -14.88 12.47
N ILE B 244 -16.01 -15.04 11.22
CA ILE B 244 -14.57 -15.15 10.96
C ILE B 244 -13.94 -13.76 10.82
N PHE B 245 -14.59 -12.84 10.12
CA PHE B 245 -13.96 -11.56 9.78
C PHE B 245 -14.56 -10.35 10.48
N GLY B 246 -15.72 -10.48 11.12
CA GLY B 246 -16.28 -9.38 11.89
C GLY B 246 -17.06 -8.36 11.10
N GLU B 247 -17.25 -8.57 9.80
CA GLU B 247 -18.07 -7.72 8.96
C GLU B 247 -19.01 -8.59 8.14
N HIS B 248 -20.13 -8.02 7.72
CA HIS B 248 -21.01 -8.70 6.79
C HIS B 248 -20.37 -8.70 5.41
N PRO B 249 -20.33 -9.82 4.70
CA PRO B 249 -19.73 -9.81 3.37
C PRO B 249 -20.60 -9.01 2.42
N VAL B 250 -19.96 -8.23 1.56
CA VAL B 250 -20.66 -7.53 0.49
C VAL B 250 -20.34 -8.11 -0.88
N TYR B 251 -19.38 -9.03 -0.96
CA TYR B 251 -18.98 -9.70 -2.19
C TYR B 251 -19.23 -11.19 -2.03
N MET B 252 -19.85 -11.81 -3.03
CA MET B 252 -19.97 -13.25 -3.02
C MET B 252 -19.56 -13.79 -4.37
N TRP B 253 -18.94 -14.97 -4.33
CA TRP B 253 -18.68 -15.76 -5.52
C TRP B 253 -19.81 -16.77 -5.68
N PRO B 254 -20.62 -16.70 -6.73
CA PRO B 254 -21.67 -17.71 -6.94
C PRO B 254 -21.06 -19.04 -7.31
N PRO B 255 -21.38 -20.12 -6.61
CA PRO B 255 -20.81 -21.43 -6.95
C PRO B 255 -20.96 -21.75 -8.43
N GLU B 256 -19.87 -22.23 -9.02
CA GLU B 256 -19.80 -22.57 -10.44
C GLU B 256 -20.10 -21.37 -11.34
N ALA B 257 -19.85 -20.16 -10.82
CA ALA B 257 -20.19 -18.91 -11.53
C ALA B 257 -21.68 -18.84 -11.86
N SER B 258 -22.52 -19.59 -11.15
CA SER B 258 -23.88 -19.80 -11.62
C SER B 258 -24.77 -18.62 -11.25
N VAL B 259 -25.44 -18.05 -12.26
CA VAL B 259 -26.40 -16.97 -12.02
C VAL B 259 -27.65 -17.23 -12.84
N SER B 260 -28.69 -16.49 -12.47
CA SER B 260 -29.98 -16.44 -13.14
C SER B 260 -30.62 -15.15 -12.67
N ASN B 261 -31.72 -14.75 -13.32
CA ASN B 261 -32.39 -13.53 -12.91
C ASN B 261 -32.85 -13.63 -11.45
N GLU B 262 -33.38 -14.78 -11.05
CA GLU B 262 -33.87 -14.91 -9.69
C GLU B 262 -32.73 -14.99 -8.69
N ALA B 263 -31.62 -15.63 -9.07
CA ALA B 263 -30.47 -15.71 -8.17
C ALA B 263 -29.85 -14.33 -7.96
N LEU B 264 -29.76 -13.54 -9.03
CA LEU B 264 -29.23 -12.18 -8.88
C LEU B 264 -30.10 -11.37 -7.93
N GLU B 265 -31.44 -11.54 -8.01
CA GLU B 265 -32.30 -10.83 -7.08
C GLU B 265 -32.14 -11.33 -5.65
N LEU B 266 -31.88 -12.63 -5.47
CA LEU B 266 -31.66 -13.13 -4.11
C LEU B 266 -30.37 -12.56 -3.52
N TYR B 267 -29.29 -12.54 -4.30
CA TYR B 267 -28.06 -11.93 -3.81
C TYR B 267 -28.29 -10.47 -3.46
N TYR B 268 -29.04 -9.75 -4.30
CA TYR B 268 -29.34 -8.35 -4.01
C TYR B 268 -30.16 -8.22 -2.72
N GLU B 269 -31.16 -9.08 -2.53
CA GLU B 269 -31.98 -8.98 -1.32
C GLU B 269 -31.21 -9.33 -0.06
N LYS B 270 -30.14 -10.09 -0.16
CA LYS B 270 -29.31 -10.42 0.98
C LYS B 270 -28.15 -9.43 1.18
N GLY B 271 -28.17 -8.29 0.50
CA GLY B 271 -27.17 -7.28 0.72
C GLY B 271 -25.87 -7.48 -0.02
N ILE B 272 -25.84 -8.35 -1.03
CA ILE B 272 -24.64 -8.50 -1.85
C ILE B 272 -24.62 -7.39 -2.89
N ASN B 273 -23.50 -6.65 -2.95
CA ASN B 273 -23.38 -5.51 -3.84
C ASN B 273 -22.66 -5.82 -5.15
N MET B 274 -21.82 -6.84 -5.16
CA MET B 274 -21.12 -7.22 -6.37
C MET B 274 -20.87 -8.71 -6.35
N LEU B 275 -20.95 -9.33 -7.51
CA LEU B 275 -20.46 -10.68 -7.70
C LEU B 275 -19.81 -10.73 -9.08
N ALA B 276 -19.17 -11.86 -9.37
CA ALA B 276 -18.68 -12.09 -10.71
C ALA B 276 -19.30 -13.36 -11.25
N THR B 277 -19.27 -13.49 -12.57
CA THR B 277 -19.73 -14.72 -13.20
C THR B 277 -18.91 -14.88 -14.47
N ASP B 278 -19.39 -15.69 -15.41
CA ASP B 278 -18.55 -16.15 -16.51
C ASP B 278 -18.88 -15.46 -17.82
N GLU B 279 -17.85 -15.34 -18.68
CA GLU B 279 -17.99 -14.67 -19.97
C GLU B 279 -18.99 -15.38 -20.89
N VAL B 280 -19.11 -16.71 -20.79
CA VAL B 280 -20.06 -17.41 -21.66
C VAL B 280 -21.49 -16.98 -21.33
N ILE B 281 -21.77 -16.77 -20.04
CA ILE B 281 -23.09 -16.30 -19.66
C ILE B 281 -23.34 -14.91 -20.23
N LEU B 282 -22.31 -14.07 -20.22
CA LEU B 282 -22.42 -12.73 -20.79
C LEU B 282 -22.75 -12.80 -22.28
N LYS B 283 -22.02 -13.64 -23.02
CA LYS B 283 -22.25 -13.76 -24.46
C LYS B 283 -23.65 -14.32 -24.77
N ASN B 284 -24.18 -15.17 -23.90
CA ASN B 284 -25.54 -15.69 -24.08
C ASN B 284 -26.61 -14.65 -23.75
N SER B 285 -26.25 -13.61 -23.01
CA SER B 285 -27.23 -12.69 -22.42
C SER B 285 -27.29 -11.33 -23.10
N VAL B 286 -26.16 -10.86 -23.64
CA VAL B 286 -26.11 -9.55 -24.29
C VAL B 286 -25.38 -9.72 -25.62
N GLU B 287 -25.74 -8.88 -26.59
CA GLU B 287 -25.19 -9.02 -27.93
C GLU B 287 -23.75 -8.54 -27.99
N ARG B 288 -23.50 -7.31 -27.56
CA ARG B 288 -22.16 -6.73 -27.58
C ARG B 288 -21.54 -7.03 -26.22
N ALA B 289 -20.90 -8.18 -26.13
CA ALA B 289 -20.49 -8.74 -24.84
C ALA B 289 -19.00 -8.47 -24.61
N SER B 290 -18.70 -7.25 -24.15
CA SER B 290 -17.35 -6.96 -23.67
C SER B 290 -17.21 -7.35 -22.19
N PRO B 291 -16.27 -8.21 -21.82
CA PRO B 291 -16.07 -8.54 -20.41
C PRO B 291 -15.26 -7.52 -19.63
N TYR B 292 -14.93 -6.37 -20.21
CA TYR B 292 -14.02 -5.42 -19.60
C TYR B 292 -14.75 -4.27 -18.93
N LEU B 293 -16.07 -4.36 -18.80
CA LEU B 293 -16.93 -3.35 -18.23
C LEU B 293 -17.43 -3.78 -16.87
N ARG B 294 -17.78 -2.80 -16.03
CA ARG B 294 -18.57 -3.06 -14.84
C ARG B 294 -20.05 -3.00 -15.23
N TYR B 295 -20.78 -4.09 -15.00
CA TYR B 295 -22.18 -4.15 -15.38
C TYR B 295 -23.06 -3.93 -14.15
N TYR B 296 -24.22 -3.33 -14.38
CA TYR B 296 -25.22 -3.14 -13.34
C TYR B 296 -26.45 -3.94 -13.74
N PHE B 297 -26.73 -5.00 -12.99
CA PHE B 297 -27.91 -5.81 -13.28
C PHE B 297 -29.14 -5.08 -12.73
N ARG B 298 -29.98 -4.58 -13.63
CA ARG B 298 -31.23 -3.88 -13.29
C ARG B 298 -30.98 -2.74 -12.30
N GLU B 299 -29.77 -2.20 -12.32
CA GLU B 299 -29.37 -1.10 -11.43
C GLU B 299 -29.47 -1.48 -9.96
N LEU B 300 -29.37 -2.78 -9.67
CA LEU B 300 -29.52 -3.33 -8.33
C LEU B 300 -28.24 -3.92 -7.77
N ILE B 301 -27.43 -4.56 -8.60
CA ILE B 301 -26.22 -5.24 -8.15
C ILE B 301 -25.18 -5.13 -9.25
N SER B 302 -23.91 -4.97 -8.85
CA SER B 302 -22.81 -4.90 -9.80
C SER B 302 -22.34 -6.30 -10.18
N VAL B 303 -22.06 -6.49 -11.47
CA VAL B 303 -21.65 -7.79 -11.99
C VAL B 303 -20.43 -7.60 -12.87
N PHE B 304 -19.36 -8.35 -12.58
CA PHE B 304 -18.23 -8.48 -13.49
C PHE B 304 -18.25 -9.86 -14.10
N PHE B 305 -17.86 -9.95 -15.36
CA PHE B 305 -17.72 -11.23 -16.05
C PHE B 305 -16.25 -11.53 -16.24
N ARG B 306 -15.82 -12.71 -15.80
CA ARG B 306 -14.40 -13.03 -15.83
C ARG B 306 -13.93 -13.21 -17.26
N ASP B 307 -12.66 -12.90 -17.50
CA ASP B 307 -12.02 -13.18 -18.78
C ASP B 307 -11.73 -14.67 -18.82
N LYS B 308 -12.57 -15.40 -19.56
CA LYS B 308 -12.47 -16.85 -19.56
C LYS B 308 -11.15 -17.32 -20.14
N THR B 309 -10.68 -16.67 -21.22
CA THR B 309 -9.43 -17.13 -21.85
C THR B 309 -8.28 -17.05 -20.85
N LEU B 310 -8.14 -15.92 -20.18
CA LEU B 310 -7.01 -15.77 -19.24
C LEU B 310 -7.18 -16.68 -18.04
N SER B 311 -8.41 -16.81 -17.54
CA SER B 311 -8.66 -17.68 -16.39
C SER B 311 -8.33 -19.12 -16.71
N ASP B 312 -8.70 -19.58 -17.91
CA ASP B 312 -8.46 -20.96 -18.30
C ASP B 312 -7.00 -21.22 -18.64
N LEU B 313 -6.27 -20.19 -19.12
CA LEU B 313 -4.84 -20.36 -19.34
C LEU B 313 -4.12 -20.76 -18.05
N ILE B 314 -4.36 -20.03 -16.97
CA ILE B 314 -3.77 -20.42 -15.69
C ILE B 314 -4.36 -21.74 -15.23
N GLY B 315 -5.68 -21.88 -15.32
CA GLY B 315 -6.33 -23.02 -14.71
C GLY B 315 -6.06 -24.34 -15.41
N PHE B 316 -5.84 -24.31 -16.72
CA PHE B 316 -5.73 -25.54 -17.51
C PHE B 316 -4.58 -25.60 -18.50
N SER B 317 -4.00 -24.47 -18.90
CA SER B 317 -2.99 -24.47 -19.96
C SER B 317 -1.54 -24.43 -19.47
N TYR B 318 -1.20 -23.47 -18.61
CA TYR B 318 0.20 -23.13 -18.39
C TYR B 318 0.98 -24.18 -17.59
N HIS B 319 0.32 -25.20 -17.01
CA HIS B 319 1.10 -26.25 -16.36
C HIS B 319 2.10 -26.88 -17.32
N ALA B 320 1.76 -26.89 -18.61
CA ALA B 320 2.57 -27.48 -19.66
C ALA B 320 3.66 -26.55 -20.19
N TRP B 321 3.68 -25.29 -19.78
CA TRP B 321 4.68 -24.33 -20.24
C TRP B 321 5.76 -24.13 -19.18
N ASN B 322 6.91 -23.64 -19.61
CA ASN B 322 7.84 -23.12 -18.62
C ASN B 322 7.32 -21.80 -18.07
N ALA B 323 7.77 -21.45 -16.88
CA ALA B 323 7.23 -20.28 -16.19
C ALA B 323 7.42 -19.01 -17.01
N GLU B 324 8.65 -18.78 -17.50
CA GLU B 324 8.94 -17.54 -18.22
C GLU B 324 8.07 -17.39 -19.47
N ASP B 325 7.89 -18.47 -20.24
CA ASP B 325 7.10 -18.37 -21.45
C ASP B 325 5.63 -18.15 -21.15
N ALA B 326 5.13 -18.78 -20.09
CA ALA B 326 3.73 -18.58 -19.71
C ALA B 326 3.48 -17.15 -19.25
N VAL B 327 4.39 -16.61 -18.43
CA VAL B 327 4.22 -15.24 -17.98
C VAL B 327 4.31 -14.27 -19.16
N ARG B 328 5.24 -14.53 -20.10
CA ARG B 328 5.32 -13.70 -21.31
C ARG B 328 4.03 -13.74 -22.10
N ASP B 329 3.44 -14.93 -22.25
CA ASP B 329 2.17 -15.06 -22.96
C ASP B 329 1.07 -14.27 -22.26
N PHE B 330 0.97 -14.43 -20.95
CA PHE B 330 -0.09 -13.79 -20.17
C PHE B 330 0.00 -12.27 -20.28
N ILE B 331 1.19 -11.71 -20.05
CA ILE B 331 1.36 -10.26 -20.12
C ILE B 331 1.12 -9.77 -21.54
N GLY B 332 1.54 -10.55 -22.54
CA GLY B 332 1.30 -10.16 -23.92
C GLY B 332 -0.19 -10.06 -24.22
N ARG B 333 -0.99 -10.93 -23.60
CA ARG B 333 -2.43 -10.88 -23.81
C ARG B 333 -3.05 -9.68 -23.10
N LEU B 334 -2.55 -9.33 -21.91
CA LEU B 334 -3.00 -8.12 -21.25
C LEU B 334 -2.64 -6.89 -22.07
N LYS B 335 -1.44 -6.88 -22.66
CA LYS B 335 -1.03 -5.76 -23.49
C LYS B 335 -1.98 -5.58 -24.68
N LYS B 336 -2.38 -6.68 -25.31
CA LYS B 336 -3.28 -6.58 -26.45
C LYS B 336 -4.66 -6.07 -26.03
N ILE B 337 -5.16 -6.52 -24.89
CA ILE B 337 -6.41 -5.98 -24.35
C ILE B 337 -6.26 -4.48 -24.12
N HIS B 338 -5.17 -4.09 -23.48
CA HIS B 338 -4.91 -2.67 -23.18
C HIS B 338 -4.92 -1.82 -24.44
N GLU B 339 -4.43 -2.35 -25.56
CA GLU B 339 -4.36 -1.57 -26.79
C GLU B 339 -5.60 -1.70 -27.67
N SER B 340 -6.56 -2.55 -27.30
CA SER B 340 -7.73 -2.80 -28.13
C SER B 340 -8.91 -1.89 -27.78
N VAL B 341 -8.88 -1.21 -26.64
CA VAL B 341 -10.00 -0.42 -26.16
C VAL B 341 -9.52 0.99 -25.85
N ASP B 342 -10.44 1.95 -25.96
CA ASP B 342 -10.12 3.36 -25.71
C ASP B 342 -10.50 3.80 -24.29
N PHE B 343 -10.85 2.86 -23.42
CA PHE B 343 -11.13 3.12 -22.01
C PHE B 343 -10.18 2.26 -21.19
N GLN B 344 -10.29 2.34 -19.86
CA GLN B 344 -9.48 1.51 -18.98
C GLN B 344 -10.23 0.22 -18.68
N PRO B 345 -9.82 -0.91 -19.23
CA PRO B 345 -10.58 -2.15 -19.03
C PRO B 345 -10.34 -2.76 -17.67
N VAL B 346 -11.37 -3.47 -17.18
CA VAL B 346 -11.29 -4.26 -15.96
C VAL B 346 -11.25 -5.73 -16.34
N VAL B 347 -10.15 -6.41 -15.99
CA VAL B 347 -9.92 -7.78 -16.41
C VAL B 347 -9.99 -8.65 -15.17
N PHE B 348 -11.11 -9.37 -15.00
CA PHE B 348 -11.29 -10.30 -13.89
C PHE B 348 -10.72 -11.67 -14.24
N VAL B 349 -9.82 -12.16 -13.40
CA VAL B 349 -9.23 -13.48 -13.58
C VAL B 349 -9.69 -14.31 -12.40
N VAL B 350 -10.60 -15.25 -12.65
CA VAL B 350 -11.32 -15.96 -11.59
C VAL B 350 -11.24 -17.45 -11.86
N LEU B 351 -10.74 -18.21 -10.88
CA LEU B 351 -10.64 -19.66 -11.01
C LEU B 351 -10.35 -20.21 -9.63
N ASN B 352 -10.30 -21.52 -9.53
CA ASN B 352 -9.98 -22.11 -8.26
C ASN B 352 -8.51 -21.80 -7.96
N GLY B 353 -8.24 -21.57 -6.68
CA GLY B 353 -6.89 -21.25 -6.28
C GLY B 353 -6.08 -22.42 -5.80
N GLU B 354 -6.65 -23.63 -5.76
CA GLU B 354 -5.94 -24.77 -5.22
C GLU B 354 -5.86 -25.97 -6.16
N ASN B 355 -6.55 -25.96 -7.32
CA ASN B 355 -6.71 -27.17 -8.11
C ASN B 355 -5.68 -27.33 -9.22
N CYS B 356 -5.17 -26.23 -9.77
CA CYS B 356 -4.29 -26.32 -10.92
C CYS B 356 -2.82 -26.55 -10.56
N TRP B 357 -2.39 -26.20 -9.34
CA TRP B 357 -0.96 -26.09 -9.06
C TRP B 357 -0.27 -27.44 -8.99
N GLU B 358 -0.98 -28.50 -8.57
CA GLU B 358 -0.39 -29.83 -8.47
C GLU B 358 0.17 -30.31 -9.81
N TYR B 359 -0.31 -29.76 -10.92
CA TYR B 359 0.15 -30.14 -12.26
C TYR B 359 1.27 -29.25 -12.78
N TYR B 360 1.60 -28.17 -12.07
CA TYR B 360 2.74 -27.33 -12.42
C TYR B 360 4.00 -27.88 -11.78
N GLU B 361 5.13 -27.67 -12.44
CA GLU B 361 6.41 -27.97 -11.82
C GLU B 361 6.56 -27.15 -10.54
N GLU B 362 7.01 -27.83 -9.47
CA GLU B 362 7.26 -27.20 -8.17
C GLU B 362 6.00 -26.48 -7.66
N ASN B 363 4.84 -27.10 -7.91
CA ASN B 363 3.55 -26.63 -7.41
C ASN B 363 3.24 -25.20 -7.85
N GLY B 364 3.76 -24.79 -9.01
CA GLY B 364 3.44 -23.47 -9.54
C GLY B 364 4.18 -22.33 -8.89
N ILE B 365 5.08 -22.61 -7.96
CA ILE B 365 5.80 -21.52 -7.27
C ILE B 365 6.65 -20.72 -8.23
N PRO B 366 7.44 -21.31 -9.14
CA PRO B 366 8.14 -20.48 -10.14
C PRO B 366 7.20 -19.65 -10.99
N PHE B 367 6.05 -20.21 -11.38
CA PHE B 367 5.13 -19.45 -12.21
C PHE B 367 4.59 -18.23 -11.46
N LEU B 368 4.05 -18.46 -10.25
CA LEU B 368 3.40 -17.39 -9.51
C LEU B 368 4.41 -16.34 -9.06
N GLU B 369 5.60 -16.76 -8.61
CA GLU B 369 6.61 -15.77 -8.21
C GLU B 369 7.01 -14.89 -9.40
N LYS B 370 7.16 -15.49 -10.58
CA LYS B 370 7.50 -14.70 -11.75
C LYS B 370 6.32 -13.84 -12.22
N LEU B 371 5.12 -14.42 -12.22
CA LEU B 371 3.94 -13.65 -12.58
C LEU B 371 3.77 -12.43 -11.68
N TYR B 372 3.84 -12.64 -10.36
CA TYR B 372 3.60 -11.53 -9.44
C TYR B 372 4.73 -10.51 -9.49
N SER B 373 5.97 -10.97 -9.58
CA SER B 373 7.07 -10.01 -9.68
C SER B 373 7.01 -9.22 -10.98
N THR B 374 6.55 -9.84 -12.07
CA THR B 374 6.46 -9.13 -13.34
C THR B 374 5.34 -8.11 -13.33
N LEU B 375 4.20 -8.46 -12.73
CA LEU B 375 3.08 -7.53 -12.65
C LEU B 375 3.43 -6.31 -11.81
N GLU B 376 4.26 -6.49 -10.77
CA GLU B 376 4.71 -5.37 -9.96
C GLU B 376 5.44 -4.33 -10.78
N LYS B 377 6.04 -4.73 -11.90
CA LYS B 377 6.90 -3.82 -12.63
C LYS B 377 6.21 -3.11 -13.78
N GLU B 378 5.03 -3.59 -14.21
CA GLU B 378 4.34 -2.99 -15.35
C GLU B 378 3.56 -1.76 -14.87
N GLU B 379 4.03 -0.57 -15.25
CA GLU B 379 3.40 0.67 -14.81
C GLU B 379 1.96 0.80 -15.31
N TRP B 380 1.62 0.13 -16.41
CA TRP B 380 0.33 0.28 -17.05
C TRP B 380 -0.69 -0.74 -16.56
N ILE B 381 -0.32 -1.62 -15.63
CA ILE B 381 -1.25 -2.54 -14.99
C ILE B 381 -1.39 -2.12 -13.53
N GLU B 382 -2.63 -2.04 -13.06
CA GLU B 382 -2.91 -1.86 -11.64
C GLU B 382 -3.78 -3.01 -11.17
N THR B 383 -3.26 -3.81 -10.23
CA THR B 383 -4.09 -4.84 -9.63
C THR B 383 -4.98 -4.22 -8.56
N LEU B 384 -6.20 -4.75 -8.42
CA LEU B 384 -7.21 -4.16 -7.58
C LEU B 384 -7.79 -5.18 -6.61
N THR B 385 -8.19 -4.70 -5.44
CA THR B 385 -9.07 -5.46 -4.59
C THR B 385 -10.48 -5.47 -5.19
N LEU B 386 -11.33 -6.37 -4.67
CA LEU B 386 -12.73 -6.37 -5.10
C LEU B 386 -13.40 -5.06 -4.72
N GLU B 387 -13.07 -4.50 -3.55
CA GLU B 387 -13.65 -3.22 -3.15
C GLU B 387 -13.25 -2.11 -4.11
N GLU B 388 -11.96 -2.08 -4.51
CA GLU B 388 -11.52 -1.07 -5.47
C GLU B 388 -12.18 -1.24 -6.84
N ALA B 389 -12.33 -2.49 -7.29
CA ALA B 389 -13.00 -2.75 -8.57
C ALA B 389 -14.44 -2.28 -8.54
N MET B 390 -15.13 -2.49 -7.42
CA MET B 390 -16.54 -2.14 -7.32
C MET B 390 -16.76 -0.64 -7.39
N ARG B 391 -15.81 0.16 -6.90
CA ARG B 391 -16.02 1.59 -6.76
C ARG B 391 -15.17 2.44 -7.69
N LYS B 392 -14.24 1.85 -8.44
CA LYS B 392 -13.42 2.60 -9.39
C LYS B 392 -14.31 3.43 -10.32
N GLU B 393 -14.03 4.72 -10.42
CA GLU B 393 -14.90 5.57 -11.22
C GLU B 393 -14.49 5.64 -12.69
N ASP B 394 -13.20 5.60 -12.98
CA ASP B 394 -12.75 5.80 -14.36
C ASP B 394 -12.77 4.50 -15.15
N VAL B 395 -13.89 3.78 -15.09
CA VAL B 395 -14.09 2.57 -15.86
C VAL B 395 -15.37 2.75 -16.68
N LYS B 396 -15.57 1.85 -17.64
CA LYS B 396 -16.77 1.88 -18.48
C LYS B 396 -17.80 0.92 -17.91
N THR B 397 -19.07 1.34 -17.94
CA THR B 397 -20.14 0.59 -17.31
C THR B 397 -21.30 0.43 -18.28
N GLU B 398 -22.21 -0.48 -17.93
CA GLU B 398 -23.38 -0.74 -18.75
C GLU B 398 -24.43 -1.43 -17.91
N VAL B 399 -25.68 -1.11 -18.18
CA VAL B 399 -26.81 -1.73 -17.50
C VAL B 399 -27.25 -2.96 -18.27
N ILE B 400 -27.51 -4.05 -17.56
CA ILE B 400 -27.98 -5.30 -18.14
C ILE B 400 -29.31 -5.63 -17.47
N GLU B 401 -30.30 -6.03 -18.28
CA GLU B 401 -31.65 -6.25 -17.77
C GLU B 401 -32.00 -7.71 -17.54
N SER B 402 -31.26 -8.64 -18.13
CA SER B 402 -31.61 -10.06 -18.07
C SER B 402 -30.37 -10.89 -18.39
N VAL B 403 -30.28 -12.07 -17.77
CA VAL B 403 -29.24 -13.02 -18.11
C VAL B 403 -29.89 -14.36 -18.45
N LYS B 404 -29.22 -15.13 -19.30
CA LYS B 404 -29.58 -16.52 -19.52
C LYS B 404 -28.88 -17.38 -18.47
N ALA B 405 -29.67 -18.13 -17.70
CA ALA B 405 -29.11 -18.86 -16.57
C ALA B 405 -28.10 -19.90 -17.03
N GLY B 406 -27.00 -20.03 -16.29
CA GLY B 406 -26.00 -21.01 -16.64
C GLY B 406 -24.89 -21.05 -15.61
N THR B 407 -23.78 -21.69 -15.99
CA THR B 407 -22.59 -21.79 -15.14
C THR B 407 -21.36 -21.56 -16.01
N TRP B 408 -20.18 -21.61 -15.40
CA TRP B 408 -18.97 -21.51 -16.20
C TRP B 408 -18.64 -22.81 -16.94
N PHE B 409 -19.41 -23.88 -16.77
CA PHE B 409 -19.28 -25.03 -17.66
C PHE B 409 -20.23 -24.80 -18.83
N ASP B 410 -19.68 -24.34 -19.96
CA ASP B 410 -20.40 -24.21 -21.22
C ASP B 410 -21.66 -23.34 -21.11
N GLY B 411 -21.75 -22.50 -20.09
CA GLY B 411 -22.94 -21.69 -19.92
C GLY B 411 -24.21 -22.44 -19.54
N ASN B 412 -24.10 -23.68 -19.07
CA ASN B 412 -25.30 -24.49 -18.83
C ASN B 412 -25.09 -25.31 -17.57
N PHE B 413 -26.04 -26.21 -17.30
CA PHE B 413 -26.08 -26.96 -16.04
C PHE B 413 -25.81 -28.44 -16.23
N LEU B 414 -25.31 -28.86 -17.39
CA LEU B 414 -25.28 -30.28 -17.73
C LEU B 414 -24.24 -31.07 -16.95
N LYS B 415 -23.34 -30.40 -16.25
CA LYS B 415 -22.38 -31.10 -15.42
C LYS B 415 -22.99 -31.57 -14.10
N TRP B 416 -24.19 -31.10 -13.77
CA TRP B 416 -24.84 -31.47 -12.50
C TRP B 416 -26.24 -32.02 -12.66
N ILE B 417 -26.84 -31.96 -13.85
CA ILE B 417 -28.21 -32.41 -14.05
C ILE B 417 -28.39 -32.73 -15.52
N GLY B 418 -29.38 -33.57 -15.83
CA GLY B 418 -29.75 -33.81 -17.21
C GLY B 418 -29.33 -35.12 -17.82
N ASN B 419 -28.64 -35.99 -17.08
CA ASN B 419 -28.50 -37.38 -17.49
C ASN B 419 -29.13 -38.27 -16.41
N LYS B 420 -29.22 -39.57 -16.70
CA LYS B 420 -30.01 -40.45 -15.86
C LYS B 420 -29.44 -40.54 -14.44
N GLU B 421 -28.12 -40.71 -14.31
CA GLU B 421 -27.52 -40.88 -12.99
C GLU B 421 -27.55 -39.58 -12.20
N LYS B 422 -27.23 -38.46 -12.86
CA LYS B 422 -27.33 -37.18 -12.16
C LYS B 422 -28.75 -36.88 -11.75
N ASN B 423 -29.72 -37.17 -12.62
CA ASN B 423 -31.13 -36.96 -12.25
C ASN B 423 -31.52 -37.85 -11.08
N GLU B 424 -30.96 -39.06 -10.97
CA GLU B 424 -31.30 -39.91 -9.83
C GLU B 424 -30.84 -39.29 -8.52
N TYR B 425 -29.70 -38.58 -8.53
CA TYR B 425 -29.28 -37.85 -7.33
C TYR B 425 -30.32 -36.80 -6.96
N TRP B 426 -30.78 -36.03 -7.94
CA TRP B 426 -31.77 -35.01 -7.66
C TRP B 426 -33.07 -35.61 -7.14
N LYS B 427 -33.51 -36.73 -7.73
CA LYS B 427 -34.70 -37.41 -7.21
C LYS B 427 -34.52 -37.82 -5.76
N ILE B 428 -33.35 -38.36 -5.43
CA ILE B 428 -33.05 -38.72 -4.05
C ILE B 428 -33.14 -37.50 -3.16
N LEU B 429 -32.55 -36.39 -3.60
CA LEU B 429 -32.62 -35.15 -2.83
C LEU B 429 -34.06 -34.66 -2.70
N ILE B 430 -34.83 -34.71 -3.79
CA ILE B 430 -36.22 -34.24 -3.74
C ILE B 430 -37.03 -35.06 -2.75
N GLU B 431 -36.94 -36.39 -2.83
CA GLU B 431 -37.67 -37.23 -1.89
C GLU B 431 -37.21 -36.98 -0.45
N ALA B 432 -35.89 -36.83 -0.26
CA ALA B 432 -35.39 -36.56 1.09
C ALA B 432 -35.88 -35.21 1.61
N LYS B 433 -35.95 -34.21 0.73
CA LYS B 433 -36.37 -32.87 1.15
C LYS B 433 -37.80 -32.89 1.70
N LYS B 434 -38.66 -33.74 1.13
CA LYS B 434 -40.03 -33.86 1.65
C LYS B 434 -40.05 -34.39 3.08
N LYS B 435 -39.02 -35.11 3.50
CA LYS B 435 -38.94 -35.71 4.83
C LYS B 435 -37.82 -35.11 5.67
N ALA B 436 -37.23 -34.00 5.23
CA ALA B 436 -36.04 -33.46 5.88
C ALA B 436 -36.37 -32.87 7.24
N LYS B 437 -35.46 -33.06 8.20
CA LYS B 437 -35.69 -32.59 9.57
C LYS B 437 -34.50 -31.82 10.16
N ASN B 438 -33.47 -31.54 9.38
CA ASN B 438 -32.31 -30.81 9.88
C ASN B 438 -31.50 -30.30 8.70
N ASP B 439 -30.49 -29.48 9.00
CA ASP B 439 -29.72 -28.80 7.96
C ASP B 439 -28.73 -29.70 7.24
N TYR B 440 -28.71 -31.02 7.50
CA TYR B 440 -27.89 -31.88 6.66
C TYR B 440 -28.45 -31.95 5.25
N ILE B 441 -29.72 -31.60 5.06
CA ILE B 441 -30.26 -31.50 3.70
C ILE B 441 -29.53 -30.39 2.93
N LEU B 442 -29.05 -29.36 3.63
CA LEU B 442 -28.29 -28.31 2.95
C LEU B 442 -26.93 -28.82 2.49
N VAL B 443 -26.31 -29.71 3.28
CA VAL B 443 -25.04 -30.30 2.88
C VAL B 443 -25.20 -31.07 1.58
N ALA B 444 -26.30 -31.83 1.47
CA ALA B 444 -26.56 -32.67 0.31
C ALA B 444 -26.87 -31.85 -0.94
N GLU B 445 -27.18 -30.57 -0.80
CA GLU B 445 -27.42 -29.70 -1.94
C GLU B 445 -26.13 -29.14 -2.53
N GLY B 446 -24.98 -29.48 -1.94
CA GLY B 446 -23.71 -29.02 -2.48
C GLY B 446 -23.50 -29.52 -3.90
N SER B 447 -22.85 -28.68 -4.71
CA SER B 447 -22.71 -28.98 -6.14
C SER B 447 -21.81 -30.20 -6.38
N ASP B 448 -20.85 -30.45 -5.48
CA ASP B 448 -19.83 -31.46 -5.73
C ASP B 448 -20.41 -32.86 -5.89
N TRP B 449 -21.46 -33.18 -5.13
CA TRP B 449 -21.99 -34.54 -5.21
C TRP B 449 -22.51 -34.84 -6.61
N PHE B 450 -23.17 -33.85 -7.22
CA PHE B 450 -23.74 -34.03 -8.55
C PHE B 450 -22.66 -34.01 -9.63
N TRP B 451 -21.57 -33.31 -9.37
CA TRP B 451 -20.46 -33.29 -10.31
C TRP B 451 -19.89 -34.70 -10.54
N TRP B 452 -19.68 -35.43 -9.48
CA TRP B 452 -19.08 -36.75 -9.55
C TRP B 452 -20.01 -37.86 -9.99
N GLN B 453 -21.28 -37.71 -9.69
CA GLN B 453 -22.26 -38.73 -10.03
C GLN B 453 -22.39 -38.86 -11.55
N GLY B 454 -22.61 -40.05 -12.00
CA GLY B 454 -22.88 -40.25 -13.39
C GLY B 454 -21.82 -39.79 -14.31
N GLU B 455 -20.62 -40.20 -13.97
CA GLU B 455 -19.47 -39.89 -14.74
C GLU B 455 -18.80 -41.22 -14.89
N GLU B 456 -17.77 -41.32 -15.71
CA GLU B 456 -17.07 -42.59 -15.84
C GLU B 456 -16.03 -42.53 -14.73
N LYS B 457 -14.83 -43.03 -14.98
CA LYS B 457 -13.67 -42.99 -14.07
C LYS B 457 -13.91 -42.46 -12.65
N ALA B 458 -13.56 -41.18 -12.42
CA ALA B 458 -13.65 -40.41 -11.20
C ALA B 458 -12.91 -41.00 -10.02
N PRO B 459 -11.78 -40.29 -9.57
CA PRO B 459 -11.09 -40.92 -8.42
C PRO B 459 -11.86 -40.89 -7.12
N PHE B 460 -12.02 -42.04 -6.47
CA PHE B 460 -12.74 -42.09 -5.22
C PHE B 460 -14.22 -41.77 -5.36
N VAL B 461 -14.76 -41.96 -6.55
CA VAL B 461 -16.16 -41.70 -6.75
C VAL B 461 -17.05 -42.37 -5.73
N GLU B 462 -16.69 -43.58 -5.32
CA GLU B 462 -17.52 -44.29 -4.38
C GLU B 462 -17.53 -43.61 -3.01
N VAL B 463 -16.49 -42.84 -2.69
CA VAL B 463 -16.46 -42.08 -1.45
C VAL B 463 -17.43 -40.90 -1.51
N PHE B 464 -17.44 -40.16 -2.62
CA PHE B 464 -18.36 -39.04 -2.76
C PHE B 464 -19.82 -39.51 -2.70
N ASP B 465 -20.08 -40.69 -3.27
CA ASP B 465 -21.43 -41.25 -3.23
C ASP B 465 -21.82 -41.66 -1.81
N LYS B 466 -20.88 -42.28 -1.08
CA LYS B 466 -21.13 -42.60 0.33
C LYS B 466 -21.47 -41.35 1.13
N LEU B 467 -20.71 -40.28 0.92
CA LEU B 467 -20.95 -39.04 1.66
C LEU B 467 -22.31 -38.45 1.33
N PHE B 468 -22.59 -38.25 0.04
CA PHE B 468 -23.90 -37.72 -0.37
C PHE B 468 -25.03 -38.51 0.27
N ARG B 469 -25.00 -39.83 0.13
CA ARG B 469 -26.11 -40.64 0.62
C ARG B 469 -26.17 -40.66 2.15
N SER B 470 -25.02 -40.52 2.82
CA SER B 470 -25.03 -40.40 4.28
C SER B 470 -25.65 -39.10 4.74
N PHE B 471 -25.34 -37.98 4.05
CA PHE B 471 -25.97 -36.72 4.42
C PHE B 471 -27.48 -36.75 4.16
N VAL B 472 -27.88 -37.37 3.06
CA VAL B 472 -29.30 -37.51 2.74
C VAL B 472 -30.00 -38.33 3.82
N ARG B 473 -29.39 -39.46 4.21
CA ARG B 473 -29.93 -40.26 5.30
C ARG B 473 -30.02 -39.47 6.59
N ARG B 474 -28.92 -38.81 6.96
CA ARG B 474 -28.86 -38.05 8.21
C ARG B 474 -29.90 -36.93 8.24
N ALA B 475 -30.22 -36.36 7.07
CA ALA B 475 -31.14 -35.23 7.01
C ALA B 475 -32.57 -35.58 7.40
N GLN B 476 -32.95 -36.86 7.33
CA GLN B 476 -34.33 -37.27 7.57
C GLN B 476 -34.53 -37.86 8.95
N GLU B 477 -33.53 -37.74 9.83
CA GLU B 477 -33.67 -38.20 11.19
C GLU B 477 -33.68 -36.98 12.09
C1 GLC C . 22.66 17.78 -0.63
C2 GLC C . 22.10 16.71 0.26
C3 GLC C . 20.63 17.04 0.52
C4 GLC C . 20.44 18.47 1.02
C5 GLC C . 21.19 19.48 0.19
C6 GLC C . 21.41 20.68 1.10
O1 GLC C . 22.07 17.71 -1.89
O2 GLC C . 22.27 15.58 -0.52
O3 GLC C . 20.12 16.21 1.47
O4 GLC C . 19.05 18.77 0.91
O5 GLC C . 22.48 19.06 -0.14
O6 GLC C . 21.83 21.83 0.44
C1 GLC C . 18.52 19.32 2.09
C2 GLC C . 17.16 18.73 2.40
C3 GLC C . 16.22 19.19 1.32
C4 GLC C . 16.19 20.71 1.23
C5 GLC C . 17.63 21.20 1.01
C6 GLC C . 17.76 22.71 1.04
O2 GLC C . 17.21 17.35 2.27
O3 GLC C . 14.93 18.61 1.42
O4 GLC C . 15.32 21.12 0.20
O5 GLC C . 18.43 20.71 2.04
O6 GLC C . 17.06 23.26 2.13
C1 GLC C . 17.82 24.21 2.86
C2 GLC C . 16.86 24.68 3.95
C3 GLC C . 15.61 25.26 3.27
C4 GLC C . 16.00 26.46 2.42
C5 GLC C . 17.16 26.09 1.49
C6 GLC C . 17.80 27.34 0.85
O2 GLC C . 16.52 23.55 4.73
O3 GLC C . 14.65 25.62 4.25
O4 GLC C . 14.93 26.77 1.55
O5 GLC C . 18.20 25.38 2.18
O6 GLC C . 18.40 28.22 1.80
C1 GLC C . 14.07 27.79 2.07
C2 GLC C . 12.65 27.35 1.76
C3 GLC C . 12.46 27.24 0.25
C4 GLC C . 12.86 28.55 -0.43
C5 GLC C . 14.26 28.96 0.04
C6 GLC C . 14.72 30.35 -0.44
O2 GLC C . 12.39 26.09 2.37
O3 GLC C . 11.13 26.93 -0.09
O4 GLC C . 12.84 28.33 -1.84
O5 GLC C . 14.32 29.03 1.44
O6 GLC C . 15.93 30.68 0.22
C1 GLC C . 12.10 29.45 -2.43
C2 GLC C . 11.09 28.82 -3.35
C3 GLC C . 11.97 28.01 -4.36
C4 GLC C . 12.73 29.03 -5.20
C5 GLC C . 13.60 29.86 -4.27
C6 GLC C . 14.24 31.04 -5.02
O2 GLC C . 10.21 28.20 -2.43
O3 GLC C . 11.23 27.19 -5.24
O4 GLC C . 13.52 28.48 -6.25
O5 GLC C . 12.87 30.38 -3.19
O6 GLC C . 13.31 31.86 -5.66
C1 GLC D . -15.07 -25.60 -18.08
C2 GLC D . -14.55 -24.20 -17.95
C3 GLC D . -13.62 -24.07 -16.75
C4 GLC D . -14.33 -24.49 -15.48
C5 GLC D . -15.02 -25.84 -15.65
C6 GLC D . -16.15 -25.87 -14.65
O1 GLC D . -14.07 -26.49 -18.42
O2 GLC D . -13.85 -23.88 -19.12
O3 GLC D . -13.33 -22.72 -16.57
O4 GLC D . -13.35 -24.62 -14.49
O5 GLC D . -15.65 -26.04 -16.88
O6 GLC D . -16.75 -27.13 -14.59
C1 GLC D . -13.74 -24.00 -13.29
C2 GLC D . -12.53 -23.25 -12.75
C3 GLC D . -11.47 -24.24 -12.35
C4 GLC D . -12.04 -25.22 -11.31
C5 GLC D . -13.27 -25.89 -11.94
C6 GLC D . -13.92 -26.90 -10.99
O2 GLC D . -12.04 -22.37 -13.73
O3 GLC D . -10.36 -23.57 -11.85
O4 GLC D . -11.06 -26.13 -10.93
O5 GLC D . -14.19 -24.92 -12.35
O6 GLC D . -14.22 -26.30 -9.79
C1 GLC D . -15.53 -26.48 -9.31
C2 GLC D . -15.51 -25.77 -7.96
C3 GLC D . -14.51 -26.53 -7.11
C4 GLC D . -14.82 -28.03 -7.01
C5 GLC D . -15.14 -28.61 -8.39
C6 GLC D . -15.77 -30.00 -8.27
O2 GLC D . -15.10 -24.43 -8.06
O3 GLC D . -14.39 -25.90 -5.87
O4 GLC D . -13.67 -28.68 -6.53
O5 GLC D . -15.97 -27.80 -9.17
O6 GLC D . -16.99 -29.82 -7.65
C1 GLC D . -13.65 -28.86 -5.17
C2 GLC D . -12.23 -28.62 -4.68
C3 GLC D . -11.28 -29.63 -5.25
C4 GLC D . -11.82 -31.06 -5.01
C5 GLC D . -13.32 -31.16 -5.35
C6 GLC D . -13.89 -32.50 -4.90
O2 GLC D . -11.83 -27.31 -4.95
O3 GLC D . -9.99 -29.52 -4.73
O4 GLC D . -11.03 -32.00 -5.68
O5 GLC D . -14.09 -30.14 -4.78
O6 GLC D . -15.25 -32.44 -5.22
C1 GLC D . -10.58 -33.02 -4.86
C2 GLC D . -9.10 -33.19 -4.99
C3 GLC D . -8.91 -33.59 -6.46
C4 GLC D . -9.54 -34.96 -6.66
C5 GLC D . -10.99 -34.87 -6.29
C6 GLC D . -11.60 -36.30 -6.30
O2 GLC D . -8.57 -31.99 -4.48
O3 GLC D . -7.56 -33.67 -6.77
O4 GLC D . -9.40 -35.48 -7.96
O5 GLC D . -11.17 -34.28 -5.03
O6 GLC D . -11.02 -37.20 -5.38
#